data_9PY4
#
_entry.id   9PY4
#
_cell.length_a   1.00
_cell.length_b   1.00
_cell.length_c   1.00
_cell.angle_alpha   90.00
_cell.angle_beta   90.00
_cell.angle_gamma   90.00
#
_symmetry.space_group_name_H-M   'P 1'
#
loop_
_entity.id
_entity.type
_entity.pdbx_description
1 polymer 'Guanine nucleotide-binding protein G(i) subunit alpha-1'
2 polymer 'Guanine nucleotide-binding protein G(I)/G(S)/G(T) subunit beta-1'
3 polymer 'Guanine nucleotide-binding protein G(I)/G(S)/G(O) subunit gamma-2'
4 polymer 'Cytochrome b-562/Mu-type opioid receptor chimera protein,Mu-type opioid receptor'
5 non-polymer "5'-O-[(R)-hydroxy(thiophosphonooxy)phosphoryl]guanosine"
6 non-polymer CHOLESTEROL
7 non-polymer 4-[4-(4-chlorophenyl)-4-hydroxypiperidin-1-yl]-N,N-dimethyl-2,2-diphenylbutanamide
#
loop_
_entity_poly.entity_id
_entity_poly.type
_entity_poly.pdbx_seq_one_letter_code
_entity_poly.pdbx_strand_id
1 'polypeptide(L)'
;MGCTLSAEDKAAVERSKMIDRNLREDGEKAAREVKLLLLGAGESGKSTIVKQMKIIHEAGYSEEECKQYKAVVYSNTIQS
IIAIIRAMGRLKIDFGDSARADDARQLFVLAGAAEEGFMTAELAGVIKRLWKDSGVQACFNRSREYQLNDSAAYYLNDLD
RIAQPNYIPTQQDVLRTRVKTTGIVETHFTFKDLHFKMFDVGGQRSERKKWIHCFEGVTAIIFCVALSDYDLVLAEDEEM
NRMHESMKLFDSICNNKWFTDTSIILFLNKKDLFEEKIKKSPLTICYPEYAGSNTYEEAAAYIQCQFEDLNKRKDTKEIY
THFTCATDTKNVQFVFDAVTDVIIKNNLKDCGLF
;
A
2 'polypeptide(L)'
;HHHHHHHHHHLEVLFQGPGSSGSELDQLRQEAEQLKNQIRDARKACADATLSQITNNIDPVGRIQMRTRRTLRGHLAKIY
AMHWGTDSRLLVSASQDGKLIIWDSYTTNKVHAIPLRSSWVMTCAYAPSGNYVACGGLDNICSIYNLKTREGNVRVSREL
AGHTGYLSCCRFLDDNQIVTSSGDTTCALWDIETGQQTTTFTGHTGDVMSLSLAPDTRLFVSGACDASAKLWDVREGMCR
QTFTGHESDINAICFFPNGNAFATGSDDATCRLFDLRADQELMTYSHDNIICGITSVSFSKSGRLLLAGYDDFNCNVWDA
LKADRAGVLAGHDNRVSCLGVTDDGMAVATGSWDSFLKIWN
;
B
3 'polypeptide(L)' MASNNTASIAQARKLVEQLKMEANIDRIKVSKAAADLMAYCEAHAKEDPLLTPVPASENPFREKKFFCAIL C
4 'polypeptide(L)'
;MKTIIALSYIFCLVFADYKDHDGDYKDHDIDYKDDDDKLHHHHHHHHHHLEVLFQGPGSGSADLEDNWETLNDNLKVIEK
ADNAAQVKDALTKMRAAALDAQKATPPKLEDKSPDSPEMKDFRHGFDILVGQIDDALKLANEGKVKEAQAAAEQLKTTRN
AYIQKYLGTGSDSSAAPTNASNCTDALAYSSCSPAPSPGSWVNLSHLDGNLSDPCGPNRTDLGGRDSLCPPTGSPSMITA
ITIMALYSIVCVVGLFGNFLVMYVIVRYTKMKTATNIYIFNLALADALATSTLPFQSVNYLMGTWPFGTILCKIVISIDY
YNMFTSIFTLCTMSVDRYIAVCHPVKALDFRTPRNAKIINVCNWILSSAIGLPVMFMATTKYRQGSIDCTLTFSHPTWYW
ENLLKICVFIFAFIMPVLIITVCYGLMILRLKSVRMLSGSKEKDRNLRRITRMVLVVVAVFIVCWTPIHIYVIIKALVTI
PETTFQTVSWHFCIALGYTNSCLNPVLYAFLDENFKRCFREFCIPTSSNIEQQNSTRIRQNTRDHPSTANTVDRTNHQLE
NLEAETAPLPAAALEVLFQGPGSWSHPQFEKGGGSGGGSGGSSAWSHPQFEKHHHHHHHHHH
;
R
#
loop_
_chem_comp.id
_chem_comp.type
_chem_comp.name
_chem_comp.formula
A1CMV non-polymer 4-[4-(4-chlorophenyl)-4-hydroxypiperidin-1-yl]-N,N-dimethyl-2,2-diphenylbutanamide 'C29 H33 Cl N2 O2'
CLR non-polymer CHOLESTEROL 'C27 H46 O'
VSN RNA linking 5'-O-[(R)-hydroxy(thiophosphonooxy)phosphoryl]guanosine 'C10 H15 N5 O10 P2 S'
#
# COMPACT_ATOMS: atom_id res chain seq x y z
N THR A 4 10.19 29.86 21.83
CA THR A 4 11.18 29.65 20.77
C THR A 4 10.53 29.06 19.53
N LEU A 5 9.26 28.66 19.65
CA LEU A 5 8.50 28.08 18.55
C LEU A 5 7.25 28.85 18.20
N SER A 6 6.81 29.79 19.05
CA SER A 6 5.61 30.61 18.89
C SER A 6 4.35 29.76 18.69
N ALA A 7 3.28 30.38 18.20
CA ALA A 7 2.02 29.68 18.02
C ALA A 7 1.87 29.07 16.63
N GLU A 8 2.69 29.49 15.67
CA GLU A 8 2.60 28.92 14.32
C GLU A 8 3.05 27.46 14.31
N ASP A 9 4.16 27.16 14.98
CA ASP A 9 4.63 25.78 15.06
C ASP A 9 3.67 24.91 15.85
N LYS A 10 3.09 25.46 16.93
CA LYS A 10 2.11 24.71 17.71
C LYS A 10 0.87 24.41 16.89
N ALA A 11 0.39 25.39 16.11
CA ALA A 11 -0.76 25.18 15.25
C ALA A 11 -0.47 24.15 14.16
N ALA A 12 0.73 24.20 13.59
CA ALA A 12 1.12 23.22 12.58
C ALA A 12 1.19 21.81 13.17
N VAL A 13 1.74 21.70 14.39
CA VAL A 13 1.83 20.40 15.05
C VAL A 13 0.44 19.84 15.36
N GLU A 14 -0.46 20.69 15.85
CA GLU A 14 -1.82 20.24 16.12
C GLU A 14 -2.57 19.83 14.85
N ARG A 15 -2.37 20.59 13.77
CA ARG A 15 -2.99 20.24 12.49
C ARG A 15 -2.48 18.91 11.97
N SER A 16 -1.17 18.67 12.06
CA SER A 16 -0.62 17.39 11.65
C SER A 16 -1.09 16.27 12.56
N LYS A 17 -1.31 16.56 13.85
CA LYS A 17 -1.83 15.55 14.76
C LYS A 17 -3.24 15.12 14.37
N MET A 18 -4.10 16.09 14.04
CA MET A 18 -5.45 15.71 13.64
C MET A 18 -5.47 15.06 12.26
N ILE A 19 -4.52 15.43 11.39
CA ILE A 19 -4.38 14.71 10.12
C ILE A 19 -3.96 13.27 10.38
N ASP A 20 -3.08 13.05 11.36
CA ASP A 20 -2.68 11.70 11.74
C ASP A 20 -3.87 10.89 12.28
N ARG A 21 -4.71 11.53 13.09
CA ARG A 21 -5.90 10.83 13.60
C ARG A 21 -6.84 10.45 12.46
N ASN A 22 -7.05 11.36 11.51
CA ASN A 22 -7.90 11.06 10.36
C ASN A 22 -7.33 9.92 9.52
N LEU A 23 -6.01 9.96 9.27
CA LEU A 23 -5.37 8.89 8.49
C LEU A 23 -5.44 7.56 9.22
N ARG A 24 -5.27 7.58 10.55
CA ARG A 24 -5.32 6.36 11.34
C ARG A 24 -6.70 5.72 11.29
N GLU A 25 -7.75 6.53 11.49
CA GLU A 25 -9.09 5.95 11.45
C GLU A 25 -9.48 5.52 10.03
N ASP A 26 -9.00 6.25 9.00
CA ASP A 26 -9.28 5.84 7.63
C ASP A 26 -8.59 4.54 7.28
N GLY A 27 -7.35 4.34 7.74
CA GLY A 27 -6.66 3.10 7.49
C GLY A 27 -7.18 1.94 8.32
N GLU A 28 -7.72 2.23 9.51
CA GLU A 28 -8.37 1.19 10.29
C GLU A 28 -9.66 0.74 9.63
N LYS A 29 -10.43 1.68 9.06
CA LYS A 29 -11.65 1.30 8.37
C LYS A 29 -11.35 0.54 7.07
N ALA A 30 -10.30 0.93 6.36
CA ALA A 30 -9.98 0.31 5.08
C ALA A 30 -9.35 -1.06 5.24
N ALA A 31 -8.65 -1.31 6.34
CA ALA A 31 -8.04 -2.62 6.56
C ALA A 31 -9.07 -3.68 6.89
N ARG A 32 -10.27 -3.28 7.31
CA ARG A 32 -11.36 -4.21 7.58
C ARG A 32 -12.06 -4.67 6.31
N GLU A 33 -11.78 -4.06 5.17
CA GLU A 33 -12.45 -4.39 3.92
C GLU A 33 -11.85 -5.65 3.31
N VAL A 34 -12.52 -6.14 2.26
CA VAL A 34 -12.07 -7.28 1.49
C VAL A 34 -12.03 -6.85 0.03
N LYS A 35 -10.84 -6.90 -0.57
CA LYS A 35 -10.63 -6.43 -1.93
C LYS A 35 -10.69 -7.61 -2.89
N LEU A 36 -11.34 -7.42 -4.04
CA LEU A 36 -11.55 -8.48 -4.99
C LEU A 36 -11.27 -7.98 -6.40
N LEU A 37 -10.64 -8.82 -7.21
CA LEU A 37 -10.28 -8.47 -8.59
C LEU A 37 -11.11 -9.35 -9.53
N LEU A 38 -12.16 -8.77 -10.10
CA LEU A 38 -13.02 -9.46 -11.05
C LEU A 38 -12.36 -9.45 -12.42
N LEU A 39 -12.04 -10.63 -12.94
CA LEU A 39 -11.36 -10.78 -14.22
C LEU A 39 -12.19 -11.69 -15.13
N GLY A 40 -11.73 -11.82 -16.36
CA GLY A 40 -12.39 -12.67 -17.32
C GLY A 40 -12.19 -12.16 -18.73
N ALA A 41 -12.62 -12.98 -19.68
CA ALA A 41 -12.52 -12.65 -21.10
C ALA A 41 -13.78 -11.89 -21.54
N GLY A 42 -13.94 -11.72 -22.85
CA GLY A 42 -15.10 -11.02 -23.36
C GLY A 42 -16.35 -11.90 -23.35
N GLU A 43 -17.46 -11.29 -22.92
CA GLU A 43 -18.77 -11.96 -22.83
C GLU A 43 -18.72 -13.19 -21.92
N SER A 44 -17.92 -13.11 -20.84
CA SER A 44 -17.84 -14.21 -19.90
C SER A 44 -19.12 -14.32 -19.08
N GLY A 45 -19.66 -13.19 -18.63
CA GLY A 45 -20.82 -13.19 -17.77
C GLY A 45 -20.56 -12.42 -16.49
N LYS A 46 -19.53 -11.58 -16.50
CA LYS A 46 -19.17 -10.80 -15.32
C LYS A 46 -20.27 -9.80 -14.96
N SER A 47 -20.88 -9.18 -15.97
CA SER A 47 -21.95 -8.22 -15.72
C SER A 47 -23.17 -8.89 -15.10
N THR A 48 -23.48 -10.12 -15.51
CA THR A 48 -24.57 -10.86 -14.90
C THR A 48 -24.21 -11.38 -13.51
N ILE A 49 -22.94 -11.70 -13.29
CA ILE A 49 -22.48 -12.09 -11.94
C ILE A 49 -22.63 -10.93 -10.98
N VAL A 50 -22.22 -9.73 -11.39
CA VAL A 50 -22.35 -8.55 -10.54
C VAL A 50 -23.82 -8.20 -10.34
N LYS A 51 -24.64 -8.38 -11.38
CA LYS A 51 -26.07 -8.09 -11.26
C LYS A 51 -26.77 -9.09 -10.35
N GLN A 52 -26.21 -10.30 -10.21
CA GLN A 52 -26.80 -11.30 -9.32
C GLN A 52 -26.46 -11.04 -7.85
N MET A 53 -25.48 -10.19 -7.57
CA MET A 53 -25.19 -9.80 -6.19
C MET A 53 -26.34 -8.98 -5.62
N LYS A 54 -26.59 -7.81 -6.23
CA LYS A 54 -27.68 -6.86 -5.94
C LYS A 54 -27.91 -6.64 -4.43
N ILE A 55 -26.88 -6.11 -3.77
CA ILE A 55 -27.07 -5.58 -2.43
C ILE A 55 -26.82 -4.08 -2.45
N ILE A 56 -25.58 -3.69 -2.71
CA ILE A 56 -25.17 -2.31 -2.93
C ILE A 56 -24.16 -2.33 -4.07
N HIS A 57 -24.26 -1.37 -5.00
CA HIS A 57 -23.36 -1.41 -6.15
C HIS A 57 -22.88 -0.01 -6.54
N GLU A 58 -22.71 0.89 -5.57
CA GLU A 58 -22.30 2.25 -5.87
C GLU A 58 -21.64 2.86 -4.63
N ALA A 59 -21.48 4.18 -4.66
CA ALA A 59 -20.86 4.95 -3.59
C ALA A 59 -21.68 6.23 -3.45
N GLY A 60 -21.10 7.26 -2.83
CA GLY A 60 -21.90 8.43 -2.55
C GLY A 60 -21.98 8.81 -1.09
N TYR A 61 -20.86 8.67 -0.37
CA TYR A 61 -20.70 9.07 1.03
C TYR A 61 -21.31 10.44 1.34
N SER A 62 -21.86 10.59 2.54
CA SER A 62 -22.75 11.70 2.84
C SER A 62 -22.03 13.04 2.85
N GLU A 63 -20.89 13.14 3.53
CA GLU A 63 -20.26 14.42 3.77
C GLU A 63 -18.82 14.53 3.31
N GLU A 64 -18.04 13.44 3.36
CA GLU A 64 -16.62 13.53 3.04
C GLU A 64 -16.35 13.74 1.56
N GLU A 65 -17.33 13.52 0.68
CA GLU A 65 -17.16 13.75 -0.74
C GLU A 65 -18.13 14.76 -1.33
N CYS A 66 -19.24 15.06 -0.65
CA CYS A 66 -20.14 16.11 -1.13
C CYS A 66 -19.55 17.50 -0.92
N LYS A 67 -18.75 17.67 0.13
CA LYS A 67 -18.04 18.94 0.33
C LYS A 67 -17.00 19.17 -0.76
N GLN A 68 -16.35 18.10 -1.23
CA GLN A 68 -15.25 18.20 -2.16
C GLN A 68 -15.68 18.57 -3.57
N TYR A 69 -16.98 18.49 -3.88
CA TYR A 69 -17.50 18.81 -5.21
C TYR A 69 -18.36 20.06 -5.21
N LYS A 70 -18.22 20.92 -4.20
CA LYS A 70 -19.06 22.11 -4.10
C LYS A 70 -18.71 23.13 -5.18
N ALA A 71 -17.42 23.40 -5.38
CA ALA A 71 -16.99 24.36 -6.39
C ALA A 71 -17.14 23.81 -7.80
N VAL A 72 -17.19 22.48 -7.94
CA VAL A 72 -17.35 21.87 -9.27
C VAL A 72 -18.72 22.21 -9.85
N VAL A 73 -19.76 22.25 -9.01
CA VAL A 73 -21.11 22.55 -9.48
C VAL A 73 -21.19 23.99 -10.01
N TYR A 74 -20.68 24.95 -9.23
CA TYR A 74 -20.66 26.34 -9.67
C TYR A 74 -19.80 26.52 -10.92
N SER A 75 -18.64 25.86 -10.96
CA SER A 75 -17.75 25.97 -12.11
C SER A 75 -18.41 25.42 -13.37
N ASN A 76 -19.10 24.28 -13.25
CA ASN A 76 -19.76 23.69 -14.41
C ASN A 76 -20.94 24.54 -14.86
N THR A 77 -21.69 25.12 -13.92
CA THR A 77 -22.81 25.99 -14.29
C THR A 77 -22.32 27.24 -15.03
N ILE A 78 -21.28 27.87 -14.51
CA ILE A 78 -20.73 29.06 -15.15
C ILE A 78 -20.14 28.71 -16.51
N GLN A 79 -19.42 27.59 -16.59
CA GLN A 79 -18.83 27.18 -17.86
C GLN A 79 -19.89 26.85 -18.90
N SER A 80 -20.98 26.20 -18.48
CA SER A 80 -22.04 25.89 -19.43
C SER A 80 -22.76 27.15 -19.92
N ILE A 81 -23.02 28.10 -19.01
CA ILE A 81 -23.71 29.30 -19.46
C ILE A 81 -22.81 30.18 -20.34
N ILE A 82 -21.50 30.24 -20.06
CA ILE A 82 -20.64 31.00 -20.95
C ILE A 82 -20.40 30.26 -22.26
N ALA A 83 -20.47 28.92 -22.25
CA ALA A 83 -20.40 28.16 -23.49
C ALA A 83 -21.62 28.43 -24.36
N ILE A 84 -22.80 28.53 -23.75
CA ILE A 84 -24.01 28.88 -24.51
C ILE A 84 -23.90 30.30 -25.05
N ILE A 85 -23.44 31.24 -24.23
CA ILE A 85 -23.41 32.65 -24.66
C ILE A 85 -22.32 32.87 -25.71
N ARG A 86 -21.28 32.04 -25.75
CA ARG A 86 -20.32 32.08 -26.83
C ARG A 86 -20.72 31.18 -27.99
N ALA A 87 -21.75 30.34 -27.81
CA ALA A 87 -22.17 29.41 -28.83
C ALA A 87 -23.26 29.96 -29.75
N MET A 88 -24.21 30.75 -29.23
CA MET A 88 -25.23 31.20 -30.18
C MET A 88 -24.73 32.32 -31.09
N GLY A 89 -23.58 32.91 -30.80
CA GLY A 89 -23.01 33.97 -31.62
C GLY A 89 -22.09 33.45 -32.69
N ARG A 90 -21.06 34.23 -32.99
CA ARG A 90 -20.05 33.93 -34.01
C ARG A 90 -20.67 33.68 -35.39
N SER A 98 -34.23 39.59 -26.27
CA SER A 98 -34.71 40.60 -27.21
C SER A 98 -34.57 42.00 -26.64
N ALA A 99 -33.85 42.12 -25.52
CA ALA A 99 -33.64 43.39 -24.84
C ALA A 99 -32.17 43.53 -24.45
N ARG A 100 -31.72 44.78 -24.35
CA ARG A 100 -30.35 45.06 -23.97
C ARG A 100 -30.10 44.93 -22.46
N ALA A 101 -31.15 44.81 -21.66
CA ALA A 101 -30.96 44.53 -20.24
C ALA A 101 -30.34 43.16 -20.03
N ASP A 102 -30.73 42.18 -20.87
CA ASP A 102 -30.09 40.87 -20.83
C ASP A 102 -28.62 40.95 -21.23
N ASP A 103 -28.30 41.82 -22.21
CA ASP A 103 -26.90 42.03 -22.59
C ASP A 103 -26.10 42.66 -21.46
N ALA A 104 -26.71 43.61 -20.73
CA ALA A 104 -26.05 44.20 -19.57
C ALA A 104 -25.83 43.18 -18.47
N ARG A 105 -26.83 42.30 -18.26
CA ARG A 105 -26.68 41.21 -17.28
C ARG A 105 -25.56 40.26 -17.69
N GLN A 106 -25.46 39.94 -18.98
CA GLN A 106 -24.40 39.08 -19.47
C GLN A 106 -23.03 39.74 -19.29
N LEU A 107 -22.94 41.05 -19.54
CA LEU A 107 -21.69 41.76 -19.33
C LEU A 107 -21.31 41.78 -17.85
N PHE A 108 -22.31 41.88 -16.97
CA PHE A 108 -22.03 41.77 -15.54
C PHE A 108 -21.57 40.36 -15.16
N VAL A 109 -22.10 39.33 -15.84
CA VAL A 109 -21.65 37.96 -15.61
C VAL A 109 -20.19 37.81 -16.04
N LEU A 110 -19.85 38.34 -17.21
CA LEU A 110 -18.51 38.17 -17.75
C LEU A 110 -17.44 38.89 -16.94
N ALA A 111 -17.81 39.96 -16.23
CA ALA A 111 -16.85 40.65 -15.39
C ALA A 111 -16.50 39.82 -14.16
N GLY A 112 -17.49 39.22 -13.51
CA GLY A 112 -17.31 38.43 -12.33
C GLY A 112 -17.14 36.94 -12.55
N ALA A 113 -16.96 36.50 -13.81
CA ALA A 113 -16.82 35.08 -14.10
C ALA A 113 -15.47 34.51 -13.69
N ALA A 114 -14.49 35.35 -13.39
CA ALA A 114 -13.17 34.85 -12.97
C ALA A 114 -13.18 34.34 -11.54
N GLU A 115 -14.19 34.69 -10.76
CA GLU A 115 -14.29 34.27 -9.36
C GLU A 115 -15.23 33.08 -9.24
N GLU A 116 -14.86 32.14 -8.38
CA GLU A 116 -15.67 30.95 -8.12
C GLU A 116 -15.73 30.70 -6.61
N GLY A 117 -16.86 30.11 -6.17
CA GLY A 117 -17.05 29.71 -4.79
C GLY A 117 -18.24 30.37 -4.12
N PHE A 118 -18.63 31.56 -4.58
CA PHE A 118 -19.71 32.32 -3.99
C PHE A 118 -20.71 32.76 -5.05
N MET A 119 -21.06 31.81 -5.93
CA MET A 119 -21.98 32.07 -7.03
C MET A 119 -23.44 31.86 -6.64
N THR A 120 -23.70 31.27 -5.46
CA THR A 120 -25.02 30.75 -5.14
C THR A 120 -26.08 31.83 -4.90
N ALA A 121 -25.69 33.09 -4.69
CA ALA A 121 -26.67 34.13 -4.44
C ALA A 121 -26.68 35.22 -5.52
N GLU A 122 -25.57 35.90 -5.73
CA GLU A 122 -25.56 37.10 -6.57
C GLU A 122 -25.66 36.75 -8.06
N LEU A 123 -24.68 35.98 -8.56
CA LEU A 123 -24.74 35.54 -9.94
C LEU A 123 -25.92 34.61 -10.19
N ALA A 124 -26.32 33.84 -9.17
CA ALA A 124 -27.52 33.01 -9.31
C ALA A 124 -28.75 33.88 -9.58
N GLY A 125 -28.89 34.98 -8.84
CA GLY A 125 -29.96 35.92 -9.13
C GLY A 125 -29.82 36.60 -10.48
N VAL A 126 -28.57 36.85 -10.92
CA VAL A 126 -28.36 37.51 -12.20
C VAL A 126 -28.81 36.63 -13.36
N ILE A 127 -28.38 35.37 -13.38
CA ILE A 127 -28.88 34.44 -14.41
C ILE A 127 -30.37 34.13 -14.21
N LYS A 128 -30.87 34.18 -12.98
CA LYS A 128 -32.31 34.03 -12.74
C LYS A 128 -33.10 35.14 -13.43
N ARG A 129 -32.61 36.38 -13.36
CA ARG A 129 -33.22 37.46 -14.12
C ARG A 129 -32.96 37.32 -15.61
N LEU A 130 -31.83 36.71 -15.97
CA LEU A 130 -31.47 36.52 -17.38
C LEU A 130 -32.35 35.48 -18.07
N TRP A 131 -33.03 34.62 -17.30
CA TRP A 131 -33.91 33.61 -17.89
C TRP A 131 -35.18 34.19 -18.55
N LYS A 132 -35.38 35.49 -18.70
CA LYS A 132 -36.57 36.01 -19.35
C LYS A 132 -36.60 35.70 -20.85
N ASP A 133 -35.45 35.49 -21.47
CA ASP A 133 -35.41 35.19 -22.89
C ASP A 133 -35.96 33.80 -23.18
N SER A 134 -36.72 33.68 -24.27
CA SER A 134 -37.33 32.41 -24.65
C SER A 134 -36.60 31.72 -25.80
N GLY A 135 -35.91 32.48 -26.66
CA GLY A 135 -35.17 31.87 -27.74
C GLY A 135 -33.80 31.36 -27.38
N VAL A 136 -33.32 31.66 -26.18
CA VAL A 136 -31.98 31.23 -25.78
C VAL A 136 -31.93 29.71 -25.59
N GLN A 137 -32.99 29.11 -25.04
CA GLN A 137 -33.02 27.66 -24.90
C GLN A 137 -33.22 26.98 -26.25
N ALA A 138 -33.99 27.59 -27.14
CA ALA A 138 -34.16 27.05 -28.49
C ALA A 138 -32.84 27.06 -29.26
N CYS A 139 -32.06 28.14 -29.13
CA CYS A 139 -30.78 28.19 -29.81
C CYS A 139 -29.74 27.30 -29.13
N PHE A 140 -29.88 27.09 -27.81
CA PHE A 140 -29.04 26.11 -27.13
C PHE A 140 -29.31 24.70 -27.62
N ASN A 141 -30.60 24.37 -27.83
CA ASN A 141 -30.95 23.08 -28.43
C ASN A 141 -30.49 23.00 -29.87
N ARG A 142 -30.48 24.13 -30.59
CA ARG A 142 -30.00 24.14 -31.96
C ARG A 142 -28.49 23.92 -32.03
N SER A 143 -27.75 24.32 -30.99
CA SER A 143 -26.29 24.20 -30.96
C SER A 143 -25.93 22.78 -30.51
N ARG A 144 -25.89 21.87 -31.48
CA ARG A 144 -25.48 20.49 -31.23
C ARG A 144 -24.11 20.17 -31.80
N GLU A 145 -23.42 21.15 -32.38
CA GLU A 145 -22.12 20.94 -32.99
C GLU A 145 -20.96 21.30 -32.07
N TYR A 146 -21.08 22.39 -31.31
CA TYR A 146 -20.02 22.80 -30.41
C TYR A 146 -19.88 21.82 -29.25
N GLN A 147 -18.64 21.63 -28.80
CA GLN A 147 -18.35 20.72 -27.71
C GLN A 147 -18.80 21.29 -26.38
N LEU A 148 -20.01 20.93 -25.95
CA LEU A 148 -20.55 21.37 -24.68
C LEU A 148 -21.31 20.21 -24.04
N ASN A 149 -21.39 20.25 -22.71
CA ASN A 149 -22.11 19.20 -21.98
C ASN A 149 -23.61 19.30 -22.25
N ASP A 150 -24.23 18.14 -22.47
CA ASP A 150 -25.67 18.08 -22.74
C ASP A 150 -26.50 18.39 -21.50
N SER A 151 -25.89 18.41 -20.31
CA SER A 151 -26.60 18.67 -19.07
C SER A 151 -26.43 20.12 -18.61
N ALA A 152 -26.38 21.07 -19.55
CA ALA A 152 -26.31 22.48 -19.19
C ALA A 152 -27.59 22.95 -18.52
N ALA A 153 -28.74 22.69 -19.16
CA ALA A 153 -30.02 23.01 -18.55
C ALA A 153 -30.29 22.14 -17.33
N TYR A 154 -29.77 20.90 -17.34
CA TYR A 154 -29.89 20.01 -16.20
C TYR A 154 -29.03 20.48 -15.03
N TYR A 155 -28.04 21.35 -15.29
CA TYR A 155 -27.32 22.05 -14.22
C TYR A 155 -28.08 23.28 -13.76
N LEU A 156 -28.54 24.11 -14.72
CA LEU A 156 -29.07 25.43 -14.39
C LEU A 156 -30.45 25.34 -13.74
N ASN A 157 -31.23 24.31 -14.06
CA ASN A 157 -32.64 24.30 -13.64
C ASN A 157 -32.79 24.10 -12.15
N ASP A 158 -32.05 23.16 -11.56
CA ASP A 158 -32.20 22.81 -10.16
C ASP A 158 -31.18 23.47 -9.24
N LEU A 159 -30.31 24.33 -9.78
CA LEU A 159 -29.30 24.97 -8.93
C LEU A 159 -29.84 26.23 -8.27
N ASP A 160 -30.61 27.03 -9.01
CA ASP A 160 -31.08 28.32 -8.52
C ASP A 160 -32.34 28.23 -7.66
N ARG A 161 -32.90 27.03 -7.50
CA ARG A 161 -34.10 26.88 -6.69
C ARG A 161 -33.83 27.07 -5.20
N ILE A 162 -32.58 26.90 -4.77
CA ILE A 162 -32.19 27.08 -3.37
C ILE A 162 -30.88 27.84 -3.33
N ALA A 163 -30.76 28.79 -2.42
CA ALA A 163 -29.56 29.60 -2.24
C ALA A 163 -29.18 29.58 -0.77
N GLN A 164 -28.10 28.86 -0.45
CA GLN A 164 -27.60 28.75 0.91
C GLN A 164 -26.10 29.00 0.93
N PRO A 165 -25.58 29.53 2.04
CA PRO A 165 -24.12 29.68 2.17
C PRO A 165 -23.40 28.35 2.20
N ASN A 166 -23.83 27.45 3.09
CA ASN A 166 -23.31 26.09 3.15
C ASN A 166 -24.13 25.20 2.22
N TYR A 167 -24.02 25.47 0.94
CA TYR A 167 -24.79 24.77 -0.09
C TYR A 167 -24.16 23.41 -0.34
N ILE A 168 -24.66 22.40 0.37
CA ILE A 168 -24.20 21.03 0.20
C ILE A 168 -25.36 20.17 -0.29
N PRO A 169 -25.40 19.84 -1.57
CA PRO A 169 -26.52 19.07 -2.12
C PRO A 169 -26.39 17.58 -1.77
N THR A 170 -27.35 16.81 -2.25
CA THR A 170 -27.37 15.36 -2.03
C THR A 170 -26.52 14.69 -3.12
N GLN A 171 -26.64 13.37 -3.22
CA GLN A 171 -25.89 12.61 -4.21
C GLN A 171 -26.41 12.81 -5.63
N GLN A 172 -27.60 13.41 -5.79
CA GLN A 172 -28.13 13.65 -7.12
C GLN A 172 -27.30 14.68 -7.88
N ASP A 173 -26.91 15.76 -7.21
CA ASP A 173 -26.07 16.78 -7.84
C ASP A 173 -24.62 16.35 -7.95
N VAL A 174 -24.16 15.49 -7.03
CA VAL A 174 -22.79 14.99 -7.10
C VAL A 174 -22.62 14.07 -8.29
N LEU A 175 -23.57 13.14 -8.49
CA LEU A 175 -23.56 12.30 -9.68
C LEU A 175 -23.84 13.10 -10.95
N ARG A 176 -24.51 14.25 -10.81
CA ARG A 176 -24.76 15.11 -11.97
C ARG A 176 -23.46 15.68 -12.52
N THR A 177 -22.57 16.13 -11.65
CA THR A 177 -21.29 16.69 -12.04
C THR A 177 -20.17 15.66 -12.05
N ARG A 178 -20.45 14.42 -11.66
CA ARG A 178 -19.43 13.38 -11.62
C ARG A 178 -19.02 12.97 -13.02
N VAL A 179 -17.73 12.75 -13.20
CA VAL A 179 -17.19 12.26 -14.46
C VAL A 179 -17.20 10.73 -14.43
N LYS A 180 -17.79 10.13 -15.46
CA LYS A 180 -17.84 8.67 -15.55
C LYS A 180 -16.43 8.11 -15.77
N THR A 181 -16.14 7.00 -15.09
CA THR A 181 -14.83 6.37 -15.17
C THR A 181 -14.82 5.35 -16.29
N THR A 182 -13.97 5.60 -17.29
CA THR A 182 -13.84 4.64 -18.39
C THR A 182 -13.06 3.41 -17.97
N GLY A 183 -12.20 3.53 -16.97
CA GLY A 183 -11.32 2.45 -16.59
C GLY A 183 -11.84 1.61 -15.43
N ILE A 184 -11.25 1.80 -14.25
CA ILE A 184 -11.58 0.96 -13.10
C ILE A 184 -12.99 1.24 -12.62
N VAL A 185 -13.73 0.18 -12.32
CA VAL A 185 -15.09 0.25 -11.80
C VAL A 185 -15.11 -0.40 -10.42
N GLU A 186 -15.63 0.33 -9.44
CA GLU A 186 -15.67 -0.13 -8.05
C GLU A 186 -17.11 -0.31 -7.62
N THR A 187 -17.43 -1.49 -7.08
CA THR A 187 -18.73 -1.79 -6.51
C THR A 187 -18.55 -2.32 -5.09
N HIS A 188 -19.15 -1.63 -4.13
CA HIS A 188 -19.05 -2.01 -2.72
C HIS A 188 -20.36 -2.66 -2.28
N PHE A 189 -20.28 -3.89 -1.78
CA PHE A 189 -21.43 -4.57 -1.22
C PHE A 189 -21.01 -5.27 0.07
N THR A 190 -21.98 -5.48 0.96
CA THR A 190 -21.74 -6.13 2.24
C THR A 190 -22.57 -7.41 2.33
N PHE A 191 -22.02 -8.40 3.02
CA PHE A 191 -22.71 -9.68 3.19
C PHE A 191 -22.27 -10.31 4.51
N LYS A 192 -23.24 -10.44 5.42
CA LYS A 192 -23.06 -11.15 6.70
C LYS A 192 -21.92 -10.55 7.53
N ASP A 193 -22.10 -9.27 7.87
CA ASP A 193 -21.23 -8.51 8.77
C ASP A 193 -19.80 -8.38 8.25
N LEU A 194 -19.59 -8.51 6.95
CA LEU A 194 -18.27 -8.38 6.34
C LEU A 194 -18.40 -7.58 5.05
N HIS A 195 -17.46 -6.69 4.82
CA HIS A 195 -17.54 -5.72 3.72
C HIS A 195 -16.65 -6.14 2.57
N PHE A 196 -17.20 -6.11 1.36
CA PHE A 196 -16.50 -6.46 0.14
C PHE A 196 -16.30 -5.23 -0.73
N LYS A 197 -15.42 -5.37 -1.72
CA LYS A 197 -15.07 -4.26 -2.60
C LYS A 197 -14.54 -4.87 -3.90
N MET A 198 -15.38 -4.88 -4.93
CA MET A 198 -15.07 -5.53 -6.20
C MET A 198 -14.53 -4.52 -7.19
N PHE A 199 -13.54 -4.93 -7.97
CA PHE A 199 -12.90 -4.09 -8.97
C PHE A 199 -12.98 -4.77 -10.32
N ASP A 200 -13.61 -4.09 -11.28
CA ASP A 200 -13.70 -4.58 -12.66
C ASP A 200 -12.71 -3.80 -13.50
N VAL A 201 -11.67 -4.48 -13.99
CA VAL A 201 -10.64 -3.85 -14.79
C VAL A 201 -10.84 -4.14 -16.28
N GLY A 202 -12.07 -4.46 -16.69
CA GLY A 202 -12.34 -4.75 -18.08
C GLY A 202 -12.27 -3.54 -19.00
N GLY A 203 -12.44 -2.34 -18.45
CA GLY A 203 -12.33 -1.13 -19.24
C GLY A 203 -10.91 -0.70 -19.55
N GLN A 204 -9.92 -1.31 -18.91
CA GLN A 204 -8.52 -0.99 -19.15
C GLN A 204 -8.01 -1.89 -20.26
N ARG A 205 -7.82 -1.31 -21.45
CA ARG A 205 -7.35 -2.05 -22.62
C ARG A 205 -5.97 -1.61 -23.06
N SER A 206 -5.16 -1.08 -22.14
CA SER A 206 -3.87 -0.49 -22.53
C SER A 206 -2.74 -1.49 -22.42
N GLU A 207 -2.43 -1.93 -21.20
CA GLU A 207 -1.39 -2.94 -20.97
C GLU A 207 -1.57 -3.47 -19.56
N ARG A 208 -1.89 -4.76 -19.44
CA ARG A 208 -2.17 -5.35 -18.14
C ARG A 208 -0.92 -5.40 -17.26
N LYS A 209 0.26 -5.54 -17.88
CA LYS A 209 1.49 -5.71 -17.12
C LYS A 209 1.97 -4.44 -16.44
N LYS A 210 1.38 -3.28 -16.76
CA LYS A 210 1.81 -2.02 -16.18
C LYS A 210 0.93 -1.56 -15.02
N TRP A 211 -0.26 -2.14 -14.86
CA TRP A 211 -1.09 -1.83 -13.70
C TRP A 211 -1.54 -3.07 -12.93
N ILE A 212 -1.11 -4.26 -13.32
CA ILE A 212 -1.53 -5.46 -12.61
C ILE A 212 -0.87 -5.57 -11.24
N HIS A 213 0.21 -4.81 -11.00
CA HIS A 213 0.84 -4.76 -9.70
C HIS A 213 0.21 -3.75 -8.76
N CYS A 214 -0.77 -2.98 -9.24
CA CYS A 214 -1.41 -1.97 -8.39
C CYS A 214 -2.28 -2.59 -7.33
N PHE A 215 -2.60 -3.88 -7.43
CA PHE A 215 -3.46 -4.52 -6.45
C PHE A 215 -2.65 -5.13 -5.31
N GLU A 216 -1.82 -6.14 -5.62
CA GLU A 216 -0.78 -6.70 -4.76
C GLU A 216 -1.25 -6.94 -3.32
N GLY A 217 -2.19 -7.86 -3.13
CA GLY A 217 -2.71 -8.08 -1.80
C GLY A 217 -4.21 -8.03 -1.74
N VAL A 218 -4.86 -8.17 -2.90
CA VAL A 218 -6.30 -8.41 -2.92
C VAL A 218 -6.57 -9.76 -2.26
N THR A 219 -7.74 -9.87 -1.64
CA THR A 219 -8.11 -11.10 -0.94
C THR A 219 -8.24 -12.27 -1.91
N ALA A 220 -8.88 -12.04 -3.06
CA ALA A 220 -9.11 -13.11 -4.01
C ALA A 220 -9.28 -12.52 -5.40
N ILE A 221 -9.51 -13.40 -6.38
CA ILE A 221 -9.75 -13.04 -7.77
C ILE A 221 -10.97 -13.81 -8.24
N ILE A 222 -11.91 -13.13 -8.89
CA ILE A 222 -13.23 -13.68 -9.17
C ILE A 222 -13.33 -13.88 -10.68
N PHE A 223 -12.25 -14.41 -11.27
CA PHE A 223 -12.20 -14.80 -12.67
C PHE A 223 -13.46 -15.56 -13.11
N CYS A 224 -14.11 -15.03 -14.15
CA CYS A 224 -15.34 -15.59 -14.69
C CYS A 224 -15.09 -16.13 -16.10
N VAL A 225 -15.61 -17.32 -16.37
CA VAL A 225 -15.40 -18.02 -17.63
C VAL A 225 -16.75 -18.50 -18.15
N ALA A 226 -17.12 -18.09 -19.36
CA ALA A 226 -18.35 -18.57 -19.97
C ALA A 226 -18.16 -20.01 -20.42
N LEU A 227 -19.06 -20.90 -19.97
CA LEU A 227 -18.94 -22.31 -20.29
C LEU A 227 -19.46 -22.65 -21.69
N SER A 228 -20.27 -21.78 -22.28
CA SER A 228 -20.81 -22.05 -23.61
C SER A 228 -19.81 -21.81 -24.73
N ASP A 229 -18.62 -21.29 -24.41
CA ASP A 229 -17.62 -20.95 -25.41
C ASP A 229 -16.74 -22.13 -25.80
N TYR A 230 -17.14 -23.35 -25.47
CA TYR A 230 -16.36 -24.52 -25.87
C TYR A 230 -16.47 -24.78 -27.37
N ASP A 231 -17.57 -24.34 -28.00
CA ASP A 231 -17.76 -24.50 -29.44
C ASP A 231 -17.88 -23.17 -30.15
N LEU A 232 -17.64 -22.06 -29.45
CA LEU A 232 -17.67 -20.73 -30.04
C LEU A 232 -16.23 -20.29 -30.34
N VAL A 233 -15.97 -19.96 -31.59
CA VAL A 233 -14.64 -19.56 -32.02
C VAL A 233 -14.49 -18.06 -31.80
N LEU A 234 -13.23 -17.63 -31.62
CA LEU A 234 -12.95 -16.21 -31.41
C LEU A 234 -13.26 -15.41 -32.67
N ALA A 235 -13.86 -14.23 -32.48
CA ALA A 235 -14.32 -13.43 -33.61
C ALA A 235 -13.18 -12.74 -34.34
N GLU A 236 -12.02 -12.58 -33.70
CA GLU A 236 -10.91 -11.88 -34.32
C GLU A 236 -9.94 -12.80 -35.05
N ASP A 237 -10.08 -14.11 -34.91
CA ASP A 237 -9.13 -15.03 -35.51
C ASP A 237 -9.80 -16.14 -36.32
N GLU A 238 -11.00 -16.58 -35.93
CA GLU A 238 -11.79 -17.60 -36.60
C GLU A 238 -11.08 -18.94 -36.74
N GLU A 239 -10.02 -19.19 -35.98
CA GLU A 239 -9.29 -20.44 -36.11
C GLU A 239 -9.03 -21.07 -34.75
N MET A 240 -8.98 -20.26 -33.70
CA MET A 240 -8.66 -20.73 -32.36
C MET A 240 -9.81 -20.44 -31.41
N ASN A 241 -9.99 -21.34 -30.45
CA ASN A 241 -11.17 -21.38 -29.61
C ASN A 241 -11.17 -20.26 -28.56
N ARG A 242 -12.38 -19.93 -28.09
CA ARG A 242 -12.53 -18.95 -27.02
C ARG A 242 -12.19 -19.53 -25.67
N MET A 243 -12.48 -20.81 -25.46
CA MET A 243 -12.18 -21.47 -24.19
C MET A 243 -10.68 -21.53 -23.96
N HIS A 244 -9.90 -21.71 -25.02
CA HIS A 244 -8.45 -21.73 -24.86
C HIS A 244 -7.90 -20.33 -24.62
N GLU A 245 -8.56 -19.29 -25.14
CA GLU A 245 -8.19 -17.93 -24.75
C GLU A 245 -8.45 -17.68 -23.27
N SER A 246 -9.60 -18.15 -22.78
CA SER A 246 -9.89 -18.04 -21.35
C SER A 246 -8.89 -18.81 -20.51
N MET A 247 -8.50 -20.00 -21.00
CA MET A 247 -7.49 -20.80 -20.31
C MET A 247 -6.14 -20.10 -20.27
N LYS A 248 -5.74 -19.47 -21.37
CA LYS A 248 -4.47 -18.75 -21.41
C LYS A 248 -4.50 -17.55 -20.47
N LEU A 249 -5.62 -16.82 -20.43
CA LEU A 249 -5.75 -15.69 -19.52
C LEU A 249 -5.71 -16.13 -18.06
N PHE A 250 -6.40 -17.24 -17.76
CA PHE A 250 -6.39 -17.78 -16.40
C PHE A 250 -5.01 -18.26 -16.00
N ASP A 251 -4.29 -18.90 -16.93
CA ASP A 251 -2.94 -19.35 -16.66
C ASP A 251 -2.00 -18.17 -16.42
N SER A 252 -2.16 -17.09 -17.18
CA SER A 252 -1.33 -15.91 -16.96
C SER A 252 -1.67 -15.22 -15.64
N ILE A 253 -2.94 -15.26 -15.23
CA ILE A 253 -3.32 -14.67 -13.95
C ILE A 253 -2.78 -15.50 -12.78
N CYS A 254 -2.88 -16.83 -12.89
CA CYS A 254 -2.44 -17.71 -11.81
C CYS A 254 -0.93 -17.60 -11.59
N ASN A 255 -0.16 -17.77 -12.66
CA ASN A 255 1.30 -17.76 -12.55
C ASN A 255 1.87 -16.36 -12.81
N ASN A 256 1.33 -15.40 -12.08
CA ASN A 256 1.85 -14.04 -12.06
C ASN A 256 2.68 -13.85 -10.81
N LYS A 257 3.79 -13.13 -10.94
CA LYS A 257 4.64 -12.88 -9.78
C LYS A 257 3.94 -11.98 -8.77
N TRP A 258 3.01 -11.13 -9.22
CA TRP A 258 2.26 -10.28 -8.30
C TRP A 258 1.16 -11.05 -7.58
N PHE A 259 0.56 -12.04 -8.24
CA PHE A 259 -0.48 -12.88 -7.65
C PHE A 259 0.08 -14.29 -7.55
N THR A 260 0.81 -14.56 -6.47
CA THR A 260 1.44 -15.85 -6.27
C THR A 260 0.85 -16.65 -5.12
N ASP A 261 0.10 -16.01 -4.23
CA ASP A 261 -0.52 -16.71 -3.11
C ASP A 261 -2.00 -16.42 -2.95
N THR A 262 -2.58 -15.52 -3.73
CA THR A 262 -3.99 -15.22 -3.60
C THR A 262 -4.84 -16.36 -4.14
N SER A 263 -5.98 -16.59 -3.50
CA SER A 263 -6.89 -17.63 -3.96
C SER A 263 -7.75 -17.10 -5.09
N ILE A 264 -8.39 -18.02 -5.82
CA ILE A 264 -9.20 -17.67 -6.96
C ILE A 264 -10.57 -18.31 -6.80
N ILE A 265 -11.60 -17.46 -6.71
CA ILE A 265 -12.98 -17.89 -6.77
C ILE A 265 -13.38 -17.97 -8.23
N LEU A 266 -13.10 -19.11 -8.86
CA LEU A 266 -13.37 -19.29 -10.28
C LEU A 266 -14.84 -19.58 -10.51
N PHE A 267 -15.45 -18.83 -11.43
CA PHE A 267 -16.84 -19.00 -11.80
C PHE A 267 -16.93 -19.59 -13.20
N LEU A 268 -17.75 -20.63 -13.35
CA LEU A 268 -18.05 -21.24 -14.64
C LEU A 268 -19.50 -20.89 -14.95
N ASN A 269 -19.69 -20.02 -15.94
CA ASN A 269 -20.87 -19.15 -15.95
C ASN A 269 -22.12 -19.83 -16.51
N LYS A 270 -22.11 -20.18 -17.79
CA LYS A 270 -23.33 -20.55 -18.50
C LYS A 270 -23.57 -22.04 -18.29
N LYS A 271 -24.22 -22.36 -17.17
CA LYS A 271 -24.37 -23.76 -16.77
C LYS A 271 -25.38 -24.49 -17.65
N ASP A 272 -26.51 -23.86 -17.97
CA ASP A 272 -27.51 -24.53 -18.80
C ASP A 272 -27.22 -24.40 -20.29
N LEU A 273 -26.51 -23.34 -20.68
CA LEU A 273 -26.23 -23.10 -22.09
C LEU A 273 -25.29 -24.15 -22.65
N PHE A 274 -24.21 -24.46 -21.92
CA PHE A 274 -23.29 -25.46 -22.45
C PHE A 274 -23.88 -26.84 -22.32
N GLU A 275 -24.79 -27.06 -21.36
CA GLU A 275 -25.47 -28.36 -21.24
C GLU A 275 -26.37 -28.61 -22.44
N GLU A 276 -27.20 -27.64 -22.79
CA GLU A 276 -28.04 -27.79 -23.98
C GLU A 276 -27.20 -27.76 -25.27
N LYS A 277 -26.00 -27.19 -25.22
CA LYS A 277 -25.11 -27.27 -26.37
C LYS A 277 -24.51 -28.67 -26.51
N ILE A 278 -24.05 -29.26 -25.41
CA ILE A 278 -23.40 -30.57 -25.47
C ILE A 278 -24.40 -31.72 -25.56
N LYS A 279 -25.69 -31.44 -25.39
CA LYS A 279 -26.66 -32.48 -25.74
C LYS A 279 -26.82 -32.63 -27.25
N LYS A 280 -26.15 -31.81 -28.05
CA LYS A 280 -25.99 -32.06 -29.49
C LYS A 280 -24.55 -32.28 -29.90
N SER A 281 -23.64 -31.37 -29.55
CA SER A 281 -22.27 -31.40 -30.03
C SER A 281 -21.30 -31.84 -28.94
N PRO A 282 -20.44 -32.82 -29.19
CA PRO A 282 -19.56 -33.33 -28.13
C PRO A 282 -18.44 -32.34 -27.79
N LEU A 283 -17.77 -32.61 -26.68
CA LEU A 283 -16.66 -31.80 -26.19
C LEU A 283 -15.34 -32.16 -26.86
N THR A 284 -15.36 -33.12 -27.80
CA THR A 284 -14.13 -33.52 -28.48
C THR A 284 -13.59 -32.41 -29.37
N ILE A 285 -14.47 -31.54 -29.89
CA ILE A 285 -14.01 -30.44 -30.73
C ILE A 285 -13.20 -29.43 -29.93
N CYS A 286 -13.50 -29.26 -28.64
CA CYS A 286 -12.69 -28.38 -27.80
C CYS A 286 -11.45 -29.10 -27.29
N TYR A 287 -11.59 -30.35 -26.88
CA TYR A 287 -10.48 -31.16 -26.39
C TYR A 287 -10.36 -32.43 -27.22
N PRO A 288 -9.51 -32.45 -28.24
CA PRO A 288 -9.35 -33.69 -29.04
C PRO A 288 -8.76 -34.85 -28.27
N GLU A 289 -8.05 -34.59 -27.16
CA GLU A 289 -7.50 -35.66 -26.34
C GLU A 289 -8.52 -36.28 -25.39
N TYR A 290 -9.71 -35.69 -25.30
CA TYR A 290 -10.72 -36.11 -24.35
C TYR A 290 -11.87 -36.80 -25.06
N ALA A 291 -12.21 -38.00 -24.60
CA ALA A 291 -13.47 -38.65 -24.99
C ALA A 291 -13.89 -39.55 -23.83
N GLY A 292 -14.71 -39.00 -22.93
CA GLY A 292 -15.26 -39.82 -21.87
C GLY A 292 -16.77 -39.93 -21.89
N SER A 293 -17.45 -38.84 -22.21
CA SER A 293 -18.90 -38.71 -22.28
C SER A 293 -19.26 -37.37 -22.89
N ASN A 294 -20.42 -37.32 -23.55
CA ASN A 294 -21.01 -36.07 -24.01
C ASN A 294 -22.12 -35.60 -23.09
N THR A 295 -22.12 -36.05 -21.84
CA THR A 295 -23.13 -35.70 -20.86
C THR A 295 -22.73 -34.42 -20.12
N TYR A 296 -23.68 -33.89 -19.35
CA TYR A 296 -23.47 -32.63 -18.65
C TYR A 296 -22.43 -32.76 -17.54
N GLU A 297 -22.59 -33.79 -16.70
CA GLU A 297 -21.79 -33.88 -15.47
C GLU A 297 -20.33 -34.17 -15.76
N GLU A 298 -20.06 -35.16 -16.62
CA GLU A 298 -18.69 -35.55 -16.89
C GLU A 298 -17.94 -34.48 -17.67
N ALA A 299 -18.62 -33.81 -18.61
CA ALA A 299 -17.97 -32.73 -19.35
C ALA A 299 -17.72 -31.53 -18.45
N ALA A 300 -18.66 -31.20 -17.55
CA ALA A 300 -18.44 -30.10 -16.62
C ALA A 300 -17.28 -30.39 -15.67
N ALA A 301 -17.22 -31.63 -15.16
CA ALA A 301 -16.11 -32.01 -14.28
C ALA A 301 -14.78 -32.01 -15.02
N TYR A 302 -14.78 -32.45 -16.28
CA TYR A 302 -13.55 -32.45 -17.06
C TYR A 302 -13.07 -31.03 -17.35
N ILE A 303 -13.99 -30.13 -17.69
CA ILE A 303 -13.62 -28.74 -17.93
C ILE A 303 -13.07 -28.11 -16.66
N GLN A 304 -13.73 -28.36 -15.52
CA GLN A 304 -13.27 -27.83 -14.24
C GLN A 304 -11.89 -28.36 -13.87
N CYS A 305 -11.66 -29.66 -14.07
CA CYS A 305 -10.36 -30.23 -13.68
C CYS A 305 -9.26 -29.83 -14.66
N GLN A 306 -9.58 -29.66 -15.95
CA GLN A 306 -8.61 -29.16 -16.91
C GLN A 306 -8.37 -27.67 -16.74
N PHE A 307 -9.25 -26.99 -16.01
CA PHE A 307 -9.09 -25.58 -15.76
C PHE A 307 -8.43 -25.31 -14.42
N GLU A 308 -8.43 -26.30 -13.52
CA GLU A 308 -7.79 -26.20 -12.21
C GLU A 308 -6.35 -26.65 -12.20
N ASP A 309 -5.96 -27.57 -13.10
CA ASP A 309 -4.57 -28.02 -13.13
C ASP A 309 -3.61 -26.97 -13.66
N LEU A 310 -4.14 -25.86 -14.19
CA LEU A 310 -3.32 -24.71 -14.54
C LEU A 310 -2.65 -24.09 -13.33
N ASN A 311 -3.22 -24.29 -12.13
CA ASN A 311 -2.60 -23.85 -10.89
C ASN A 311 -1.35 -24.69 -10.64
N LYS A 312 -0.18 -24.07 -10.81
CA LYS A 312 1.07 -24.81 -10.69
C LYS A 312 1.39 -25.15 -9.24
N ARG A 313 1.21 -24.20 -8.32
CA ARG A 313 1.50 -24.41 -6.91
C ARG A 313 0.23 -24.92 -6.22
N LYS A 314 0.23 -26.19 -5.83
CA LYS A 314 -0.93 -26.82 -5.23
C LYS A 314 -0.75 -27.05 -3.73
N ASP A 315 0.17 -26.32 -3.10
CA ASP A 315 0.34 -26.38 -1.66
C ASP A 315 0.16 -25.02 -0.97
N THR A 316 0.13 -23.93 -1.72
CA THR A 316 -0.06 -22.61 -1.16
C THR A 316 -1.29 -21.89 -1.67
N LYS A 317 -1.71 -22.13 -2.91
CA LYS A 317 -2.84 -21.45 -3.52
C LYS A 317 -3.98 -22.43 -3.72
N GLU A 318 -5.16 -22.08 -3.21
CA GLU A 318 -6.35 -22.91 -3.31
C GLU A 318 -7.34 -22.29 -4.29
N ILE A 319 -7.94 -23.12 -5.13
CA ILE A 319 -8.89 -22.66 -6.14
C ILE A 319 -10.26 -23.24 -5.81
N TYR A 320 -11.25 -22.35 -5.71
CA TYR A 320 -12.63 -22.73 -5.41
C TYR A 320 -13.46 -22.50 -6.67
N THR A 321 -14.15 -23.54 -7.14
CA THR A 321 -14.87 -23.49 -8.39
C THR A 321 -16.38 -23.63 -8.17
N HIS A 322 -17.14 -22.80 -8.85
CA HIS A 322 -18.59 -22.74 -8.70
C HIS A 322 -19.25 -22.59 -10.06
N PHE A 323 -20.51 -23.02 -10.14
CA PHE A 323 -21.35 -22.84 -11.32
C PHE A 323 -22.47 -21.85 -11.03
N THR A 324 -22.89 -21.13 -12.07
CA THR A 324 -23.74 -19.94 -11.98
C THR A 324 -24.82 -20.04 -13.05
N CYS A 325 -25.34 -18.90 -13.54
CA CYS A 325 -26.47 -18.78 -14.48
C CYS A 325 -27.81 -19.18 -13.87
N ALA A 326 -28.37 -18.24 -13.09
CA ALA A 326 -29.66 -18.28 -12.40
C ALA A 326 -29.60 -19.12 -11.14
N THR A 327 -28.40 -19.28 -10.61
CA THR A 327 -28.21 -19.82 -9.28
C THR A 327 -28.71 -18.79 -8.27
N ASP A 328 -29.09 -19.27 -7.08
CA ASP A 328 -29.59 -18.43 -6.00
C ASP A 328 -28.44 -17.69 -5.33
N THR A 329 -28.65 -17.23 -4.09
CA THR A 329 -27.63 -16.51 -3.33
C THR A 329 -26.39 -17.36 -3.00
N LYS A 330 -26.35 -18.59 -3.50
CA LYS A 330 -25.17 -19.45 -3.38
C LYS A 330 -23.93 -18.86 -4.04
N ASN A 331 -24.09 -17.92 -4.98
CA ASN A 331 -22.94 -17.21 -5.54
C ASN A 331 -22.24 -16.40 -4.45
N VAL A 332 -23.01 -15.56 -3.75
CA VAL A 332 -22.44 -14.71 -2.71
C VAL A 332 -21.98 -15.55 -1.54
N GLN A 333 -22.71 -16.63 -1.23
CA GLN A 333 -22.29 -17.54 -0.18
C GLN A 333 -20.99 -18.25 -0.52
N PHE A 334 -20.80 -18.62 -1.79
CA PHE A 334 -19.55 -19.24 -2.22
C PHE A 334 -18.39 -18.27 -2.12
N VAL A 335 -18.61 -17.02 -2.55
CA VAL A 335 -17.57 -15.99 -2.41
C VAL A 335 -17.24 -15.77 -0.94
N PHE A 336 -18.27 -15.74 -0.08
CA PHE A 336 -18.06 -15.55 1.34
C PHE A 336 -17.28 -16.70 1.97
N ASP A 337 -17.57 -17.93 1.56
CA ASP A 337 -16.85 -19.09 2.07
C ASP A 337 -15.37 -19.05 1.67
N ALA A 338 -15.10 -18.71 0.41
CA ALA A 338 -13.72 -18.59 -0.05
C ALA A 338 -13.00 -17.47 0.71
N VAL A 339 -13.67 -16.33 0.89
CA VAL A 339 -13.04 -15.20 1.57
C VAL A 339 -12.79 -15.52 3.04
N THR A 340 -13.71 -16.21 3.71
CA THR A 340 -13.47 -16.58 5.10
C THR A 340 -12.34 -17.59 5.24
N ASP A 341 -12.21 -18.51 4.27
CA ASP A 341 -11.05 -19.40 4.28
C ASP A 341 -9.75 -18.63 4.11
N VAL A 342 -9.74 -17.63 3.21
CA VAL A 342 -8.56 -16.79 3.03
C VAL A 342 -8.24 -15.99 4.28
N ILE A 343 -9.28 -15.52 4.98
CA ILE A 343 -9.08 -14.74 6.20
C ILE A 343 -8.53 -15.63 7.31
N ILE A 344 -9.00 -16.88 7.39
CA ILE A 344 -8.44 -17.83 8.36
C ILE A 344 -6.97 -18.09 8.05
N LYS A 345 -6.63 -18.26 6.77
CA LYS A 345 -5.23 -18.46 6.39
C LYS A 345 -4.37 -17.26 6.75
N ASN A 346 -4.87 -16.05 6.50
CA ASN A 346 -4.13 -14.84 6.84
C ASN A 346 -4.00 -14.65 8.34
N ASN A 347 -5.02 -15.03 9.11
CA ASN A 347 -4.93 -14.93 10.56
C ASN A 347 -3.96 -15.94 11.13
N LEU A 348 -3.89 -17.14 10.53
CA LEU A 348 -2.87 -18.11 10.92
C LEU A 348 -1.47 -17.60 10.61
N LYS A 349 -1.29 -16.96 9.45
CA LYS A 349 0.01 -16.38 9.13
C LYS A 349 0.36 -15.23 10.06
N ASP A 350 -0.62 -14.43 10.45
CA ASP A 350 -0.37 -13.31 11.37
C ASP A 350 -0.12 -13.80 12.80
N CYS A 351 -0.67 -14.96 13.15
CA CYS A 351 -0.53 -15.51 14.50
C CYS A 351 0.77 -16.27 14.72
N GLY A 352 1.62 -16.37 13.70
CA GLY A 352 2.82 -17.17 13.85
C GLY A 352 2.56 -18.65 13.87
N LEU A 353 1.46 -19.10 13.27
CA LEU A 353 1.12 -20.52 13.23
C LEU A 353 1.20 -21.11 11.83
N PHE A 354 1.63 -20.33 10.84
CA PHE A 354 1.72 -20.82 9.48
C PHE A 354 2.74 -20.04 8.67
N GLN B 27 5.21 -1.03 -50.11
CA GLN B 27 5.02 0.19 -50.90
C GLN B 27 5.64 1.39 -50.22
N LEU B 28 4.88 2.04 -49.35
CA LEU B 28 5.37 3.18 -48.58
C LEU B 28 6.15 2.75 -47.35
N ARG B 29 6.05 1.48 -46.95
CA ARG B 29 6.82 1.00 -45.81
C ARG B 29 8.32 1.03 -46.11
N GLN B 30 8.70 0.71 -47.34
CA GLN B 30 10.10 0.82 -47.73
C GLN B 30 10.56 2.28 -47.75
N GLU B 31 9.67 3.19 -48.14
CA GLU B 31 9.99 4.62 -48.07
C GLU B 31 10.23 5.06 -46.63
N ALA B 32 9.37 4.62 -45.71
CA ALA B 32 9.58 4.94 -44.30
C ALA B 32 10.86 4.32 -43.76
N GLU B 33 11.18 3.10 -44.19
CA GLU B 33 12.40 2.44 -43.75
C GLU B 33 13.64 3.18 -44.25
N GLN B 34 13.63 3.61 -45.51
CA GLN B 34 14.79 4.33 -46.02
C GLN B 34 14.88 5.74 -45.45
N LEU B 35 13.75 6.35 -45.08
CA LEU B 35 13.77 7.62 -44.39
C LEU B 35 14.38 7.49 -42.99
N LYS B 36 14.00 6.43 -42.28
CA LYS B 36 14.59 6.16 -40.97
C LYS B 36 16.08 5.84 -41.09
N ASN B 37 16.47 5.13 -42.15
CA ASN B 37 17.89 4.86 -42.38
C ASN B 37 18.65 6.13 -42.69
N GLN B 38 18.04 7.06 -43.42
CA GLN B 38 18.67 8.36 -43.67
C GLN B 38 18.84 9.15 -42.38
N ILE B 39 17.85 9.11 -41.49
CA ILE B 39 17.96 9.76 -40.18
C ILE B 39 19.09 9.13 -39.37
N ARG B 40 19.18 7.80 -39.38
CA ARG B 40 20.24 7.10 -38.65
C ARG B 40 21.61 7.43 -39.23
N ASP B 41 21.72 7.54 -40.54
CA ASP B 41 22.99 7.87 -41.17
C ASP B 41 23.40 9.30 -40.87
N ALA B 42 22.43 10.23 -40.83
CA ALA B 42 22.71 11.61 -40.44
C ALA B 42 23.19 11.67 -39.00
N ARG B 43 22.57 10.88 -38.10
CA ARG B 43 23.03 10.82 -36.72
C ARG B 43 24.44 10.23 -36.63
N LYS B 44 24.73 9.19 -37.42
CA LYS B 44 26.04 8.56 -37.38
C LYS B 44 27.13 9.50 -37.88
N ALA B 45 26.89 10.19 -39.00
CA ALA B 45 27.83 11.18 -39.48
C ALA B 45 27.91 12.39 -38.56
N CYS B 46 26.87 12.63 -37.77
CA CYS B 46 26.88 13.73 -36.81
C CYS B 46 27.74 13.43 -35.60
N ALA B 47 28.05 12.16 -35.34
CA ALA B 47 28.84 11.78 -34.18
C ALA B 47 30.33 11.78 -34.53
N ASP B 48 31.12 12.45 -33.70
CA ASP B 48 32.57 12.46 -33.88
C ASP B 48 33.36 12.21 -32.59
N ALA B 49 32.76 12.41 -31.41
CA ALA B 49 33.45 12.16 -30.16
C ALA B 49 32.43 11.75 -29.11
N THR B 50 32.76 10.68 -28.38
CA THR B 50 31.89 10.19 -27.31
C THR B 50 31.94 11.15 -26.12
N LEU B 51 30.82 11.23 -25.38
CA LEU B 51 30.78 12.03 -24.16
C LEU B 51 31.81 11.55 -23.14
N SER B 52 32.09 10.25 -23.10
CA SER B 52 33.14 9.74 -22.22
C SER B 52 34.51 10.26 -22.63
N GLN B 53 34.73 10.48 -23.92
CA GLN B 53 36.01 11.01 -24.40
C GLN B 53 36.15 12.49 -24.05
N ILE B 54 35.05 13.24 -24.11
CA ILE B 54 35.11 14.67 -23.80
C ILE B 54 35.38 14.90 -22.32
N THR B 55 34.79 14.08 -21.45
CA THR B 55 34.92 14.24 -20.01
C THR B 55 35.97 13.31 -19.41
N ASN B 56 36.92 12.83 -20.21
CA ASN B 56 37.92 11.90 -19.71
C ASN B 56 38.99 12.58 -18.84
N ASN B 57 39.07 13.91 -18.85
CA ASN B 57 40.12 14.61 -18.14
C ASN B 57 39.61 15.44 -16.97
N ILE B 58 38.36 15.26 -16.57
CA ILE B 58 37.81 16.00 -15.45
C ILE B 58 37.94 15.15 -14.19
N ASP B 59 37.88 15.81 -13.04
CA ASP B 59 38.01 15.11 -11.77
C ASP B 59 36.73 14.36 -11.44
N PRO B 60 36.82 13.15 -10.91
CA PRO B 60 35.62 12.43 -10.47
C PRO B 60 34.97 13.10 -9.28
N VAL B 61 33.66 12.88 -9.15
CA VAL B 61 32.89 13.51 -8.09
C VAL B 61 33.19 12.92 -6.73
N GLY B 62 33.78 11.72 -6.68
CA GLY B 62 34.07 11.07 -5.42
C GLY B 62 32.85 10.37 -4.87
N ARG B 63 33.06 9.70 -3.74
CA ARG B 63 31.99 8.96 -3.07
C ARG B 63 31.05 9.95 -2.39
N ILE B 64 29.82 10.01 -2.85
CA ILE B 64 28.79 10.89 -2.29
C ILE B 64 27.90 10.05 -1.39
N GLN B 65 27.82 10.42 -0.12
CA GLN B 65 27.11 9.64 0.89
C GLN B 65 26.11 10.56 1.59
N MET B 66 24.85 10.50 1.16
CA MET B 66 23.79 11.28 1.78
C MET B 66 23.17 10.50 2.94
N ARG B 67 22.69 11.24 3.94
CA ARG B 67 22.04 10.67 5.10
C ARG B 67 20.56 10.99 5.07
N THR B 68 19.76 10.11 5.68
CA THR B 68 18.32 10.32 5.80
C THR B 68 18.08 11.38 6.87
N ARG B 69 17.89 12.63 6.42
CA ARG B 69 17.61 13.71 7.36
C ARG B 69 16.18 13.63 7.88
N ARG B 70 15.22 13.35 7.01
CA ARG B 70 13.82 13.27 7.38
C ARG B 70 13.22 11.97 6.89
N THR B 71 12.24 11.46 7.64
CA THR B 71 11.46 10.30 7.24
C THR B 71 10.00 10.66 7.41
N LEU B 72 9.24 10.64 6.32
CA LEU B 72 7.86 11.10 6.30
C LEU B 72 6.94 9.88 6.46
N ARG B 73 6.61 9.56 7.71
CA ARG B 73 5.71 8.47 8.02
C ARG B 73 4.27 8.99 8.05
N GLY B 74 3.33 8.10 7.73
CA GLY B 74 1.93 8.48 7.72
C GLY B 74 1.13 7.86 6.60
N HIS B 75 1.79 7.49 5.50
CA HIS B 75 1.14 6.72 4.46
C HIS B 75 1.02 5.27 4.91
N LEU B 76 -0.16 4.68 4.71
CA LEU B 76 -0.43 3.32 5.13
C LEU B 76 -0.40 2.32 3.97
N ALA B 77 -0.16 2.77 2.75
CA ALA B 77 -0.19 1.88 1.59
C ALA B 77 0.95 2.26 0.66
N LYS B 78 0.89 1.73 -0.55
CA LYS B 78 2.01 1.72 -1.48
C LYS B 78 2.14 3.08 -2.16
N ILE B 79 3.22 3.81 -1.84
CA ILE B 79 3.45 5.12 -2.44
C ILE B 79 3.90 4.94 -3.89
N TYR B 80 3.29 5.71 -4.79
CA TYR B 80 3.58 5.59 -6.22
C TYR B 80 4.24 6.82 -6.84
N ALA B 81 4.03 8.01 -6.29
CA ALA B 81 4.57 9.22 -6.91
C ALA B 81 4.77 10.29 -5.85
N MET B 82 5.70 11.21 -6.14
CA MET B 82 5.89 12.41 -5.34
C MET B 82 6.31 13.54 -6.24
N HIS B 83 6.14 14.77 -5.76
CA HIS B 83 6.58 15.96 -6.47
C HIS B 83 6.88 17.07 -5.49
N TRP B 84 8.07 17.63 -5.58
CA TRP B 84 8.45 18.76 -4.75
C TRP B 84 7.73 20.03 -5.20
N GLY B 85 7.54 20.95 -4.26
CA GLY B 85 7.07 22.28 -4.59
C GLY B 85 8.20 23.17 -5.03
N THR B 86 7.83 24.32 -5.60
CA THR B 86 8.84 25.26 -6.06
C THR B 86 9.48 26.02 -4.90
N ASP B 87 8.80 26.09 -3.76
CA ASP B 87 9.37 26.71 -2.58
C ASP B 87 10.44 25.86 -1.92
N SER B 88 10.65 24.63 -2.41
CA SER B 88 11.67 23.69 -1.93
C SER B 88 11.46 23.26 -0.48
N ARG B 89 10.25 23.43 0.02
CA ARG B 89 9.91 23.06 1.40
C ARG B 89 8.74 22.09 1.48
N LEU B 90 7.75 22.23 0.62
CA LEU B 90 6.60 21.34 0.61
C LEU B 90 6.76 20.29 -0.49
N LEU B 91 6.01 19.21 -0.34
CA LEU B 91 5.97 18.16 -1.36
C LEU B 91 4.67 17.39 -1.19
N VAL B 92 4.12 16.93 -2.30
CA VAL B 92 2.93 16.09 -2.29
C VAL B 92 3.33 14.68 -2.68
N SER B 93 2.69 13.70 -2.06
CA SER B 93 2.91 12.29 -2.40
C SER B 93 1.58 11.58 -2.46
N ALA B 94 1.51 10.56 -3.30
CA ALA B 94 0.30 9.78 -3.51
C ALA B 94 0.58 8.32 -3.21
N SER B 95 -0.36 7.66 -2.56
CA SER B 95 -0.24 6.23 -2.29
C SER B 95 -1.60 5.56 -2.51
N GLN B 96 -1.58 4.23 -2.49
CA GLN B 96 -2.74 3.43 -2.85
C GLN B 96 -3.76 3.27 -1.72
N ASP B 97 -3.71 4.11 -0.68
CA ASP B 97 -4.76 4.17 0.32
C ASP B 97 -5.81 5.22 -0.01
N GLY B 98 -5.75 5.81 -1.20
CA GLY B 98 -6.65 6.89 -1.55
C GLY B 98 -6.41 8.17 -0.79
N LYS B 99 -5.15 8.53 -0.57
CA LYS B 99 -4.80 9.78 0.12
C LYS B 99 -3.74 10.52 -0.68
N LEU B 100 -3.69 11.82 -0.45
CA LEU B 100 -2.79 12.73 -1.15
C LEU B 100 -2.29 13.73 -0.11
N ILE B 101 -1.10 13.47 0.44
CA ILE B 101 -0.60 14.22 1.59
C ILE B 101 0.41 15.25 1.11
N ILE B 102 0.18 16.52 1.46
CA ILE B 102 1.20 17.56 1.35
C ILE B 102 1.93 17.65 2.67
N TRP B 103 3.26 17.57 2.61
CA TRP B 103 4.11 17.57 3.78
C TRP B 103 4.88 18.87 3.90
N ASP B 104 5.26 19.20 5.13
CA ASP B 104 6.29 20.19 5.39
C ASP B 104 7.58 19.42 5.67
N SER B 105 8.49 19.42 4.70
CA SER B 105 9.70 18.62 4.80
C SER B 105 10.68 19.15 5.85
N TYR B 106 10.60 20.43 6.19
CA TYR B 106 11.54 21.00 7.15
C TYR B 106 11.24 20.56 8.57
N THR B 107 9.97 20.46 8.93
CA THR B 107 9.56 20.18 10.31
C THR B 107 8.80 18.88 10.45
N THR B 108 8.70 18.08 9.38
CA THR B 108 8.02 16.78 9.36
C THR B 108 6.58 16.92 9.84
N ASN B 109 5.80 17.67 9.07
CA ASN B 109 4.41 17.91 9.34
C ASN B 109 3.58 17.55 8.12
N LYS B 110 2.26 17.46 8.33
CA LYS B 110 1.30 17.19 7.27
C LYS B 110 0.38 18.39 7.18
N VAL B 111 0.59 19.22 6.15
CA VAL B 111 -0.28 20.38 5.95
C VAL B 111 -1.67 19.92 5.50
N HIS B 112 -1.73 18.96 4.58
CA HIS B 112 -2.99 18.56 3.98
C HIS B 112 -3.04 17.05 3.84
N ALA B 113 -4.26 16.53 3.77
CA ALA B 113 -4.49 15.12 3.46
C ALA B 113 -5.81 15.04 2.69
N ILE B 114 -5.71 14.84 1.38
CA ILE B 114 -6.86 14.86 0.48
C ILE B 114 -7.31 13.41 0.26
N PRO B 115 -8.56 13.07 0.58
CA PRO B 115 -9.07 11.72 0.26
C PRO B 115 -9.53 11.66 -1.19
N LEU B 116 -8.84 10.84 -1.98
CA LEU B 116 -9.13 10.74 -3.40
C LEU B 116 -10.42 9.97 -3.66
N ARG B 117 -11.08 10.31 -4.76
CA ARG B 117 -12.26 9.57 -5.18
C ARG B 117 -11.91 8.15 -5.58
N SER B 118 -10.79 7.97 -6.28
CA SER B 118 -10.32 6.65 -6.69
C SER B 118 -9.03 6.33 -5.97
N SER B 119 -8.98 5.13 -5.36
CA SER B 119 -7.81 4.73 -4.61
C SER B 119 -6.61 4.46 -5.52
N TRP B 120 -6.86 4.12 -6.79
CA TRP B 120 -5.80 3.79 -7.73
C TRP B 120 -5.22 5.07 -8.29
N VAL B 121 -4.08 5.49 -7.73
CA VAL B 121 -3.38 6.68 -8.18
C VAL B 121 -1.95 6.29 -8.51
N MET B 122 -1.46 6.77 -9.65
CA MET B 122 -0.11 6.49 -10.12
C MET B 122 0.75 7.73 -10.31
N THR B 123 0.15 8.92 -10.32
CA THR B 123 0.91 10.15 -10.54
C THR B 123 0.37 11.25 -9.64
N CYS B 124 1.23 12.21 -9.33
CA CYS B 124 0.82 13.43 -8.65
C CYS B 124 1.71 14.58 -9.12
N ALA B 125 1.14 15.78 -9.13
CA ALA B 125 1.84 16.97 -9.58
C ALA B 125 1.60 18.10 -8.58
N TYR B 126 2.52 19.06 -8.57
CA TYR B 126 2.42 20.23 -7.71
C TYR B 126 2.49 21.45 -8.59
N ALA B 127 1.56 22.37 -8.42
CA ALA B 127 1.56 23.60 -9.21
C ALA B 127 2.79 24.44 -8.86
N PRO B 128 3.40 25.11 -9.83
CA PRO B 128 4.56 25.96 -9.53
C PRO B 128 4.24 27.10 -8.57
N SER B 129 3.02 27.64 -8.62
CA SER B 129 2.61 28.65 -7.67
C SER B 129 2.32 28.06 -6.30
N GLY B 130 2.10 26.75 -6.22
CA GLY B 130 1.71 26.09 -4.99
C GLY B 130 0.24 26.14 -4.69
N ASN B 131 -0.57 26.76 -5.56
CA ASN B 131 -1.99 26.89 -5.31
C ASN B 131 -2.79 25.67 -5.74
N TYR B 132 -2.17 24.72 -6.43
CA TYR B 132 -2.91 23.56 -6.94
C TYR B 132 -2.06 22.31 -6.80
N VAL B 133 -2.73 21.17 -6.97
CA VAL B 133 -2.08 19.85 -6.90
C VAL B 133 -2.91 18.90 -7.77
N ALA B 134 -2.22 18.06 -8.53
CA ALA B 134 -2.87 17.13 -9.44
C ALA B 134 -2.61 15.70 -9.01
N CYS B 135 -3.46 14.80 -9.51
CA CYS B 135 -3.25 13.36 -9.35
C CYS B 135 -4.09 12.64 -10.40
N GLY B 136 -3.79 11.36 -10.58
CA GLY B 136 -4.56 10.55 -11.51
C GLY B 136 -4.04 9.13 -11.49
N GLY B 137 -4.83 8.24 -12.09
CA GLY B 137 -4.50 6.83 -12.08
C GLY B 137 -5.40 5.98 -12.96
N LEU B 138 -5.83 4.84 -12.44
CA LEU B 138 -6.61 3.87 -13.22
C LEU B 138 -8.00 4.35 -13.58
N ASP B 139 -8.46 5.46 -12.99
CA ASP B 139 -9.77 6.02 -13.31
C ASP B 139 -9.74 6.91 -14.56
N ASN B 140 -8.56 7.09 -15.18
CA ASN B 140 -8.37 7.86 -16.40
C ASN B 140 -8.75 9.33 -16.24
N ILE B 141 -8.61 9.86 -15.02
CA ILE B 141 -9.06 11.21 -14.69
C ILE B 141 -7.91 11.96 -14.03
N CYS B 142 -7.60 13.15 -14.53
CA CYS B 142 -6.64 14.05 -13.91
C CYS B 142 -7.40 15.04 -13.05
N SER B 143 -7.36 14.82 -11.74
CA SER B 143 -8.09 15.67 -10.80
C SER B 143 -7.18 16.80 -10.31
N ILE B 144 -7.70 18.03 -10.35
CA ILE B 144 -7.00 19.22 -9.88
C ILE B 144 -7.67 19.67 -8.59
N TYR B 145 -6.86 19.97 -7.58
CA TYR B 145 -7.35 20.36 -6.27
C TYR B 145 -6.86 21.76 -5.92
N ASN B 146 -7.78 22.61 -5.48
CA ASN B 146 -7.43 23.97 -5.07
C ASN B 146 -6.95 23.93 -3.63
N LEU B 147 -5.66 24.22 -3.42
CA LEU B 147 -5.07 24.15 -2.09
C LEU B 147 -5.32 25.38 -1.24
N LYS B 148 -5.77 26.48 -1.84
CA LYS B 148 -5.87 27.76 -1.14
C LYS B 148 -7.28 28.32 -1.27
N THR B 149 -8.28 27.48 -1.00
CA THR B 149 -9.65 27.96 -0.94
C THR B 149 -9.87 28.82 0.30
N ARG B 150 -10.89 29.68 0.24
CA ARG B 150 -11.20 30.55 1.37
C ARG B 150 -11.85 29.80 2.52
N GLU B 151 -12.37 28.59 2.27
CA GLU B 151 -12.98 27.81 3.36
C GLU B 151 -11.92 27.28 4.30
N GLY B 152 -10.77 26.85 3.77
CA GLY B 152 -9.68 26.31 4.55
C GLY B 152 -9.30 24.89 4.18
N ASN B 153 -10.27 24.09 3.76
CA ASN B 153 -10.02 22.72 3.35
C ASN B 153 -9.56 22.69 1.88
N VAL B 154 -9.51 21.50 1.29
CA VAL B 154 -9.11 21.34 -0.10
C VAL B 154 -10.30 20.81 -0.88
N ARG B 155 -10.70 21.53 -1.92
CA ARG B 155 -11.80 21.15 -2.79
C ARG B 155 -11.24 20.58 -4.09
N VAL B 156 -12.14 20.33 -5.05
CA VAL B 156 -11.76 19.94 -6.40
C VAL B 156 -12.11 21.10 -7.32
N SER B 157 -11.14 21.55 -8.11
CA SER B 157 -11.38 22.62 -9.05
C SER B 157 -11.86 22.12 -10.41
N ARG B 158 -11.29 21.02 -10.90
CA ARG B 158 -11.65 20.50 -12.21
C ARG B 158 -11.22 19.04 -12.30
N GLU B 159 -12.07 18.22 -12.94
CA GLU B 159 -11.74 16.84 -13.28
C GLU B 159 -11.62 16.73 -14.78
N LEU B 160 -10.43 16.32 -15.25
CA LEU B 160 -10.13 16.29 -16.68
C LEU B 160 -10.41 14.90 -17.23
N ALA B 161 -11.27 14.82 -18.24
CA ALA B 161 -11.65 13.56 -18.84
C ALA B 161 -11.45 13.61 -20.35
N GLY B 162 -11.16 12.45 -20.93
CA GLY B 162 -10.88 12.38 -22.35
C GLY B 162 -9.83 11.34 -22.69
N HIS B 163 -9.22 10.75 -21.66
CA HIS B 163 -8.26 9.68 -21.85
C HIS B 163 -8.94 8.34 -21.67
N THR B 164 -8.63 7.41 -22.58
CA THR B 164 -9.13 6.04 -22.49
C THR B 164 -8.13 5.09 -21.84
N GLY B 165 -7.01 5.63 -21.33
CA GLY B 165 -6.06 4.84 -20.60
C GLY B 165 -5.76 5.48 -19.25
N TYR B 166 -5.04 4.73 -18.42
CA TYR B 166 -4.73 5.19 -17.08
C TYR B 166 -3.77 6.38 -17.13
N LEU B 167 -3.96 7.33 -16.22
CA LEU B 167 -3.09 8.50 -16.17
C LEU B 167 -1.78 8.14 -15.48
N SER B 168 -0.66 8.28 -16.20
CA SER B 168 0.63 7.86 -15.68
C SER B 168 1.54 9.01 -15.27
N CYS B 169 1.35 10.20 -15.83
CA CYS B 169 2.11 11.37 -15.42
C CYS B 169 1.32 12.63 -15.71
N CYS B 170 1.63 13.69 -14.96
CA CYS B 170 1.00 14.99 -15.18
C CYS B 170 1.95 16.05 -14.62
N ARG B 171 2.07 17.16 -15.34
CA ARG B 171 2.98 18.24 -14.97
C ARG B 171 2.33 19.56 -15.34
N PHE B 172 2.37 20.53 -14.43
CA PHE B 172 1.75 21.83 -14.66
C PHE B 172 2.68 22.72 -15.47
N LEU B 173 2.21 23.19 -16.63
CA LEU B 173 2.91 24.27 -17.31
C LEU B 173 2.87 25.54 -16.48
N ASP B 174 1.69 25.90 -16.00
CA ASP B 174 1.46 27.13 -15.26
C ASP B 174 0.22 26.93 -14.41
N ASP B 175 -0.36 28.03 -13.93
CA ASP B 175 -1.50 27.95 -13.02
C ASP B 175 -2.77 27.50 -13.73
N ASN B 176 -2.79 27.46 -15.07
CA ASN B 176 -3.99 27.18 -15.83
C ASN B 176 -3.89 26.00 -16.79
N GLN B 177 -2.67 25.56 -17.13
CA GLN B 177 -2.49 24.48 -18.09
C GLN B 177 -1.68 23.34 -17.47
N ILE B 178 -2.03 22.12 -17.85
CA ILE B 178 -1.34 20.92 -17.38
C ILE B 178 -1.22 19.95 -18.55
N VAL B 179 -0.04 19.34 -18.70
CA VAL B 179 0.20 18.32 -19.72
C VAL B 179 0.23 16.96 -19.03
N THR B 180 -0.46 15.99 -19.61
CA THR B 180 -0.63 14.68 -19.00
C THR B 180 -0.28 13.58 -20.00
N SER B 181 0.10 12.42 -19.48
CA SER B 181 0.35 11.22 -20.28
C SER B 181 -0.59 10.12 -19.83
N SER B 182 -1.00 9.26 -20.76
CA SER B 182 -2.06 8.30 -20.51
C SER B 182 -1.67 6.94 -21.08
N GLY B 183 -2.48 5.93 -20.75
CA GLY B 183 -2.29 4.60 -21.25
C GLY B 183 -2.76 4.39 -22.68
N ASP B 184 -3.41 5.38 -23.28
CA ASP B 184 -3.92 5.28 -24.64
C ASP B 184 -2.89 5.69 -25.68
N THR B 185 -1.60 5.56 -25.35
CA THR B 185 -0.45 5.86 -26.21
C THR B 185 -0.41 7.32 -26.67
N THR B 186 -1.16 8.21 -26.02
CA THR B 186 -1.17 9.63 -26.37
C THR B 186 -0.97 10.48 -25.12
N CYS B 187 -0.30 11.60 -25.30
CA CYS B 187 -0.28 12.67 -24.32
C CYS B 187 -1.33 13.73 -24.69
N ALA B 188 -1.56 14.66 -23.77
CA ALA B 188 -2.56 15.70 -24.01
C ALA B 188 -2.20 16.93 -23.18
N LEU B 189 -2.75 18.06 -23.61
CA LEU B 189 -2.58 19.34 -22.93
C LEU B 189 -3.97 19.89 -22.64
N TRP B 190 -4.17 20.38 -21.43
CA TRP B 190 -5.50 20.76 -20.96
C TRP B 190 -5.56 22.24 -20.60
N ASP B 191 -6.75 22.81 -20.75
CA ASP B 191 -7.11 24.07 -20.12
C ASP B 191 -7.94 23.72 -18.89
N ILE B 192 -7.45 24.09 -17.72
CA ILE B 192 -8.09 23.66 -16.47
C ILE B 192 -9.42 24.37 -16.27
N GLU B 193 -9.47 25.67 -16.53
CA GLU B 193 -10.70 26.42 -16.31
C GLU B 193 -11.80 26.06 -17.30
N THR B 194 -11.44 25.48 -18.44
CA THR B 194 -12.43 25.04 -19.43
C THR B 194 -12.82 23.58 -19.22
N GLY B 195 -11.83 22.69 -19.11
CA GLY B 195 -12.06 21.29 -18.86
C GLY B 195 -11.82 20.37 -20.05
N GLN B 196 -11.33 20.90 -21.17
CA GLN B 196 -11.14 20.12 -22.38
C GLN B 196 -9.68 20.17 -22.81
N GLN B 197 -9.37 19.37 -23.84
CA GLN B 197 -8.01 19.31 -24.36
C GLN B 197 -7.81 20.38 -25.42
N THR B 198 -6.86 21.29 -25.18
CA THR B 198 -6.49 22.25 -26.19
C THR B 198 -5.59 21.64 -27.26
N THR B 199 -4.79 20.64 -26.89
CA THR B 199 -3.82 20.03 -27.79
C THR B 199 -3.74 18.54 -27.47
N THR B 200 -3.61 17.73 -28.52
CA THR B 200 -3.41 16.29 -28.36
C THR B 200 -2.08 15.92 -29.01
N PHE B 201 -1.29 15.10 -28.33
CA PHE B 201 -0.01 14.62 -28.82
C PHE B 201 -0.13 13.13 -29.12
N THR B 202 -0.09 12.78 -30.40
CA THR B 202 -0.19 11.40 -30.84
C THR B 202 1.06 11.02 -31.63
N GLY B 203 1.41 9.74 -31.58
CA GLY B 203 2.56 9.25 -32.30
C GLY B 203 3.32 8.14 -31.62
N HIS B 204 3.15 8.00 -30.31
CA HIS B 204 3.73 6.86 -29.60
C HIS B 204 2.97 5.60 -29.96
N THR B 205 3.70 4.57 -30.39
CA THR B 205 3.10 3.25 -30.60
C THR B 205 3.23 2.38 -29.36
N GLY B 206 2.82 2.93 -28.23
CA GLY B 206 2.98 2.26 -26.96
C GLY B 206 2.59 3.13 -25.78
N ASP B 207 2.38 2.48 -24.63
CA ASP B 207 1.86 3.14 -23.44
C ASP B 207 2.88 4.13 -22.88
N VAL B 208 2.62 5.43 -23.03
CA VAL B 208 3.52 6.43 -22.45
C VAL B 208 3.36 6.45 -20.94
N MET B 209 4.49 6.40 -20.23
CA MET B 209 4.51 6.18 -18.79
C MET B 209 4.93 7.40 -17.98
N SER B 210 5.72 8.31 -18.56
CA SER B 210 6.19 9.46 -17.80
C SER B 210 6.55 10.58 -18.76
N LEU B 211 6.35 11.81 -18.29
CA LEU B 211 6.77 13.00 -19.02
C LEU B 211 7.46 13.96 -18.07
N SER B 212 8.36 14.77 -18.62
CA SER B 212 9.04 15.82 -17.87
C SER B 212 8.95 17.11 -18.65
N LEU B 213 8.83 18.22 -17.92
CA LEU B 213 8.66 19.53 -18.53
C LEU B 213 9.99 20.25 -18.65
N ALA B 214 10.13 21.01 -19.74
CA ALA B 214 11.34 21.79 -19.95
C ALA B 214 11.41 22.94 -18.95
N PRO B 215 12.61 23.38 -18.59
CA PRO B 215 12.74 24.52 -17.67
C PRO B 215 12.11 25.81 -18.18
N ASP B 216 12.11 26.04 -19.48
CA ASP B 216 11.53 27.26 -20.05
C ASP B 216 10.05 27.14 -20.33
N THR B 217 9.46 25.97 -20.10
CA THR B 217 8.03 25.69 -20.30
C THR B 217 7.61 25.99 -21.74
N ARG B 218 8.34 25.38 -22.66
CA ARG B 218 8.03 25.44 -24.09
C ARG B 218 8.03 24.08 -24.76
N LEU B 219 8.71 23.09 -24.21
CA LEU B 219 8.76 21.75 -24.74
C LEU B 219 8.52 20.76 -23.60
N PHE B 220 8.30 19.50 -23.97
CA PHE B 220 8.35 18.42 -23.00
C PHE B 220 8.72 17.15 -23.76
N VAL B 221 9.14 16.15 -23.00
CA VAL B 221 9.56 14.88 -23.57
C VAL B 221 8.90 13.76 -22.77
N SER B 222 8.51 12.70 -23.47
CA SER B 222 7.77 11.61 -22.86
C SER B 222 8.29 10.27 -23.39
N GLY B 223 8.45 9.31 -22.48
CA GLY B 223 8.90 7.98 -22.83
C GLY B 223 7.76 6.98 -22.74
N ALA B 224 7.76 6.00 -23.64
CA ALA B 224 6.62 5.10 -23.78
C ALA B 224 7.08 3.65 -23.72
N CYS B 225 6.11 2.75 -23.88
CA CYS B 225 6.36 1.31 -23.82
C CYS B 225 6.91 0.74 -25.12
N ASP B 226 6.99 1.53 -26.18
CA ASP B 226 7.67 1.14 -27.40
C ASP B 226 9.16 1.48 -27.37
N ALA B 227 9.70 1.75 -26.17
CA ALA B 227 11.11 2.06 -25.95
C ALA B 227 11.58 3.27 -26.77
N SER B 228 10.71 4.28 -26.87
CA SER B 228 11.04 5.50 -27.59
C SER B 228 10.65 6.70 -26.75
N ALA B 229 11.48 7.74 -26.80
CA ALA B 229 11.21 9.01 -26.13
C ALA B 229 11.01 10.08 -27.20
N LYS B 230 9.89 10.79 -27.14
CA LYS B 230 9.53 11.77 -28.14
C LYS B 230 9.48 13.15 -27.51
N LEU B 231 10.09 14.13 -28.20
CA LEU B 231 9.99 15.52 -27.79
C LEU B 231 8.82 16.17 -28.53
N TRP B 232 8.00 16.90 -27.80
CA TRP B 232 6.84 17.56 -28.35
C TRP B 232 6.96 19.07 -28.16
N ASP B 233 6.14 19.79 -28.91
CA ASP B 233 6.00 21.23 -28.78
C ASP B 233 4.66 21.52 -28.14
N VAL B 234 4.65 22.37 -27.12
CA VAL B 234 3.42 22.69 -26.42
C VAL B 234 2.50 23.53 -27.31
N ARG B 235 3.07 24.54 -27.98
CA ARG B 235 2.25 25.51 -28.69
C ARG B 235 1.65 24.95 -29.99
N GLU B 236 2.45 24.24 -30.79
CA GLU B 236 1.97 23.75 -32.08
C GLU B 236 1.61 22.27 -32.06
N GLY B 237 1.99 21.53 -31.02
CA GLY B 237 1.48 20.17 -30.85
C GLY B 237 2.06 19.14 -31.79
N MET B 238 3.28 19.36 -32.28
CA MET B 238 3.94 18.41 -33.17
C MET B 238 5.15 17.81 -32.48
N CYS B 239 5.60 16.67 -33.01
CA CYS B 239 6.78 15.99 -32.49
C CYS B 239 8.00 16.44 -33.28
N ARG B 240 9.09 16.72 -32.56
CA ARG B 240 10.33 17.17 -33.19
C ARG B 240 11.35 16.05 -33.34
N GLN B 241 11.66 15.35 -32.26
CA GLN B 241 12.67 14.30 -32.28
C GLN B 241 12.12 13.03 -31.64
N THR B 242 12.67 11.89 -32.07
CA THR B 242 12.37 10.59 -31.47
C THR B 242 13.69 9.89 -31.18
N PHE B 243 13.78 9.29 -30.00
CA PHE B 243 15.01 8.66 -29.50
C PHE B 243 14.72 7.21 -29.19
N THR B 244 15.43 6.30 -29.84
CA THR B 244 15.14 4.87 -29.76
C THR B 244 16.36 4.07 -29.35
N GLY B 245 16.99 4.49 -28.25
CA GLY B 245 18.16 3.78 -27.75
C GLY B 245 17.86 2.64 -26.80
N HIS B 246 16.72 2.71 -26.11
CA HIS B 246 16.41 1.75 -25.08
C HIS B 246 15.79 0.50 -25.67
N GLU B 247 15.57 -0.50 -24.81
CA GLU B 247 15.16 -1.83 -25.26
C GLU B 247 13.75 -2.21 -24.82
N SER B 248 13.47 -2.22 -23.52
CA SER B 248 12.20 -2.78 -23.06
C SER B 248 11.06 -1.77 -23.12
N ASP B 249 11.10 -0.75 -22.27
CA ASP B 249 10.05 0.26 -22.13
C ASP B 249 10.51 1.32 -21.14
N ILE B 250 10.06 2.55 -21.36
CA ILE B 250 10.52 3.69 -20.57
C ILE B 250 9.56 3.89 -19.40
N ASN B 251 10.12 4.02 -18.20
CA ASN B 251 9.33 4.37 -17.02
C ASN B 251 9.70 5.71 -16.42
N ALA B 252 10.88 6.24 -16.74
CA ALA B 252 11.40 7.44 -16.12
C ALA B 252 11.94 8.38 -17.20
N ILE B 253 11.81 9.68 -16.95
CA ILE B 253 12.32 10.69 -17.89
C ILE B 253 12.42 12.01 -17.14
N CYS B 254 13.47 12.78 -17.44
CA CYS B 254 13.74 14.02 -16.74
C CYS B 254 14.73 14.86 -17.53
N PHE B 255 14.38 16.12 -17.80
CA PHE B 255 15.29 17.04 -18.45
C PHE B 255 16.52 17.36 -17.61
N PHE B 256 17.60 17.67 -18.31
CA PHE B 256 18.74 18.37 -17.75
C PHE B 256 18.30 19.77 -17.31
N PRO B 257 18.98 20.36 -16.32
CA PRO B 257 18.59 21.71 -15.87
C PRO B 257 18.70 22.79 -16.93
N ASN B 258 19.55 22.63 -17.94
CA ASN B 258 19.61 23.60 -19.03
C ASN B 258 18.56 23.36 -20.11
N GLY B 259 17.85 22.23 -20.06
CA GLY B 259 16.81 21.94 -21.02
C GLY B 259 17.29 21.45 -22.36
N ASN B 260 18.58 21.14 -22.50
CA ASN B 260 19.13 20.68 -23.77
C ASN B 260 19.41 19.19 -23.78
N ALA B 261 18.98 18.46 -22.74
CA ALA B 261 19.20 17.02 -22.68
C ALA B 261 18.14 16.43 -21.75
N PHE B 262 18.09 15.11 -21.69
CA PHE B 262 17.23 14.41 -20.75
C PHE B 262 17.73 12.99 -20.57
N ALA B 263 17.34 12.36 -19.46
CA ALA B 263 17.75 11.01 -19.13
C ALA B 263 16.52 10.12 -18.92
N THR B 264 16.59 8.90 -19.44
CA THR B 264 15.46 7.99 -19.46
C THR B 264 15.80 6.71 -18.69
N GLY B 265 14.94 6.34 -17.75
CA GLY B 265 15.03 5.07 -17.07
C GLY B 265 14.10 4.04 -17.70
N SER B 266 14.48 2.77 -17.57
CA SER B 266 13.77 1.72 -18.28
C SER B 266 13.88 0.41 -17.51
N ASP B 267 13.19 -0.61 -18.00
CA ASP B 267 13.13 -1.90 -17.33
C ASP B 267 14.29 -2.82 -17.66
N ASP B 268 15.15 -2.47 -18.62
CA ASP B 268 16.32 -3.27 -18.94
C ASP B 268 17.56 -2.85 -18.15
N ALA B 269 17.35 -2.24 -16.98
CA ALA B 269 18.42 -1.87 -16.04
C ALA B 269 19.43 -0.92 -16.68
N THR B 270 18.91 0.09 -17.37
CA THR B 270 19.77 1.02 -18.09
C THR B 270 19.15 2.41 -18.03
N CYS B 271 19.98 3.42 -17.76
CA CYS B 271 19.62 4.81 -17.96
C CYS B 271 20.40 5.35 -19.14
N ARG B 272 19.77 6.18 -19.96
CA ARG B 272 20.42 6.72 -21.14
C ARG B 272 20.22 8.22 -21.22
N LEU B 273 21.31 8.94 -21.44
CA LEU B 273 21.27 10.39 -21.61
C LEU B 273 21.18 10.72 -23.08
N PHE B 274 20.05 11.30 -23.50
CA PHE B 274 19.84 11.76 -24.85
C PHE B 274 20.08 13.26 -24.94
N ASP B 275 20.10 13.77 -26.17
CA ASP B 275 20.49 15.14 -26.45
C ASP B 275 19.54 15.74 -27.47
N LEU B 276 19.18 17.01 -27.25
CA LEU B 276 18.24 17.69 -28.13
C LEU B 276 18.88 18.04 -29.47
N ARG B 277 19.95 18.85 -29.43
CA ARG B 277 20.53 19.37 -30.66
C ARG B 277 21.28 18.29 -31.44
N ALA B 278 21.97 17.40 -30.73
CA ALA B 278 22.67 16.32 -31.41
C ALA B 278 21.72 15.23 -31.90
N ASP B 279 20.58 15.07 -31.23
CA ASP B 279 19.56 14.06 -31.57
C ASP B 279 20.13 12.65 -31.53
N GLN B 280 20.95 12.36 -30.51
CA GLN B 280 21.67 11.11 -30.45
C GLN B 280 21.65 10.55 -29.02
N GLU B 281 22.43 9.48 -28.85
CA GLU B 281 22.66 8.87 -27.55
C GLU B 281 24.05 9.27 -27.06
N LEU B 282 24.12 9.76 -25.83
CA LEU B 282 25.35 10.31 -25.26
C LEU B 282 26.00 9.43 -24.22
N MET B 283 25.24 8.85 -23.30
CA MET B 283 25.84 8.12 -22.20
C MET B 283 24.88 7.05 -21.69
N THR B 284 25.43 5.89 -21.36
CA THR B 284 24.67 4.76 -20.83
C THR B 284 25.14 4.47 -19.42
N TYR B 285 24.23 4.56 -18.46
CA TYR B 285 24.51 4.29 -17.06
C TYR B 285 23.93 2.91 -16.73
N SER B 286 24.80 1.91 -16.70
CA SER B 286 24.38 0.55 -16.41
C SER B 286 25.51 -0.16 -15.68
N HIS B 287 25.15 -1.25 -15.00
CA HIS B 287 26.14 -2.05 -14.29
C HIS B 287 25.72 -3.51 -14.41
N ASP B 288 26.70 -4.41 -14.30
CA ASP B 288 26.47 -5.83 -14.57
C ASP B 288 25.57 -6.47 -13.52
N ASN B 289 25.75 -6.12 -12.25
CA ASN B 289 24.95 -6.72 -11.19
C ASN B 289 23.61 -6.03 -10.99
N ILE B 290 23.31 -5.00 -11.77
CA ILE B 290 22.00 -4.36 -11.77
C ILE B 290 21.18 -4.97 -12.89
N ILE B 291 20.10 -5.66 -12.53
CA ILE B 291 19.22 -6.30 -13.50
C ILE B 291 17.76 -5.88 -13.33
N CYS B 292 17.45 -5.04 -12.37
CA CYS B 292 16.09 -4.60 -12.12
C CYS B 292 15.79 -3.29 -12.85
N GLY B 293 14.51 -2.97 -12.96
CA GLY B 293 14.10 -1.80 -13.69
C GLY B 293 14.24 -0.51 -12.91
N ILE B 294 14.22 0.59 -13.66
CA ILE B 294 14.28 1.95 -13.10
C ILE B 294 12.87 2.52 -13.11
N THR B 295 12.46 3.07 -11.96
CA THR B 295 11.13 3.64 -11.82
C THR B 295 11.08 5.15 -12.01
N SER B 296 12.12 5.87 -11.60
CA SER B 296 12.11 7.31 -11.59
C SER B 296 13.53 7.83 -11.66
N VAL B 297 13.71 8.98 -12.32
CA VAL B 297 14.99 9.65 -12.40
C VAL B 297 14.79 11.14 -12.14
N SER B 298 15.86 11.79 -11.67
CA SER B 298 15.88 13.23 -11.55
C SER B 298 17.33 13.70 -11.43
N PHE B 299 17.66 14.77 -12.14
CA PHE B 299 18.98 15.37 -12.05
C PHE B 299 19.07 16.28 -10.83
N SER B 300 20.30 16.61 -10.47
CA SER B 300 20.55 17.60 -9.43
C SER B 300 20.48 19.00 -10.04
N LYS B 301 20.89 20.02 -9.28
CA LYS B 301 20.79 21.39 -9.78
C LYS B 301 21.83 21.67 -10.84
N SER B 302 23.07 21.22 -10.62
CA SER B 302 24.12 21.41 -11.62
C SER B 302 23.98 20.48 -12.81
N GLY B 303 23.29 19.35 -12.64
CA GLY B 303 23.21 18.34 -13.66
C GLY B 303 24.34 17.33 -13.64
N ARG B 304 25.35 17.54 -12.80
CA ARG B 304 26.47 16.61 -12.69
C ARG B 304 26.05 15.29 -12.06
N LEU B 305 24.94 15.27 -11.34
CA LEU B 305 24.55 14.13 -10.52
C LEU B 305 23.14 13.70 -10.89
N LEU B 306 23.02 12.57 -11.58
CA LEU B 306 21.73 12.03 -11.97
C LEU B 306 21.35 10.91 -11.01
N LEU B 307 20.22 11.05 -10.33
CA LEU B 307 19.75 10.03 -9.39
C LEU B 307 18.67 9.20 -10.04
N ALA B 308 18.57 7.93 -9.60
CA ALA B 308 17.60 7.01 -10.19
C ALA B 308 17.17 5.98 -9.15
N GLY B 309 15.87 5.77 -9.04
CA GLY B 309 15.33 4.72 -8.20
C GLY B 309 15.16 3.42 -8.95
N TYR B 310 15.26 2.31 -8.23
CA TYR B 310 15.31 0.99 -8.84
C TYR B 310 14.33 0.06 -8.14
N ASP B 311 14.17 -1.14 -8.72
CA ASP B 311 13.32 -2.17 -8.14
C ASP B 311 14.01 -3.02 -7.09
N ASP B 312 15.34 -2.92 -6.97
CA ASP B 312 16.10 -3.69 -5.99
C ASP B 312 16.21 -2.98 -4.64
N PHE B 313 15.22 -2.13 -4.33
CA PHE B 313 14.90 -1.55 -3.02
C PHE B 313 15.81 -0.37 -2.66
N ASN B 314 16.62 0.13 -3.59
CA ASN B 314 17.47 1.27 -3.25
C ASN B 314 17.71 2.12 -4.50
N CYS B 315 18.12 3.36 -4.25
CA CYS B 315 18.45 4.32 -5.29
C CYS B 315 19.94 4.28 -5.59
N ASN B 316 20.28 4.42 -6.86
CA ASN B 316 21.67 4.53 -7.29
C ASN B 316 21.94 5.95 -7.77
N VAL B 317 22.97 6.57 -7.21
CA VAL B 317 23.37 7.92 -7.59
C VAL B 317 24.45 7.79 -8.66
N TRP B 318 24.19 8.37 -9.82
CA TRP B 318 25.07 8.28 -10.97
C TRP B 318 25.72 9.63 -11.25
N ASP B 319 26.91 9.58 -11.84
CA ASP B 319 27.60 10.77 -12.32
C ASP B 319 27.25 10.93 -13.79
N ALA B 320 26.48 11.97 -14.10
CA ALA B 320 25.92 12.15 -15.44
C ALA B 320 26.96 12.47 -16.50
N LEU B 321 28.19 12.82 -16.10
CA LEU B 321 29.24 13.09 -17.08
C LEU B 321 30.20 11.93 -17.27
N LYS B 322 30.35 11.05 -16.28
CA LYS B 322 31.40 10.04 -16.32
C LYS B 322 30.88 8.61 -16.32
N ALA B 323 29.55 8.40 -16.23
CA ALA B 323 28.91 7.08 -16.30
C ALA B 323 29.44 6.12 -15.24
N ASP B 324 29.67 6.63 -14.04
CA ASP B 324 30.07 5.79 -12.91
C ASP B 324 29.23 6.15 -11.70
N ARG B 325 29.00 5.15 -10.86
CA ARG B 325 28.17 5.32 -9.68
C ARG B 325 28.96 6.05 -8.60
N ALA B 326 28.36 7.11 -8.05
CA ALA B 326 28.97 7.91 -7.00
C ALA B 326 28.41 7.63 -5.62
N GLY B 327 27.15 7.21 -5.52
CA GLY B 327 26.55 6.95 -4.23
C GLY B 327 25.44 5.91 -4.32
N VAL B 328 25.02 5.46 -3.14
CA VAL B 328 23.92 4.51 -3.01
C VAL B 328 23.01 4.99 -1.90
N LEU B 329 21.72 5.15 -2.22
CA LEU B 329 20.72 5.61 -1.25
C LEU B 329 19.88 4.41 -0.83
N ALA B 330 20.39 3.66 0.15
CA ALA B 330 19.69 2.49 0.65
C ALA B 330 18.65 2.92 1.69
N GLY B 331 18.11 1.96 2.44
CA GLY B 331 17.19 2.29 3.50
C GLY B 331 15.71 2.12 3.19
N HIS B 332 15.37 1.60 2.02
CA HIS B 332 13.98 1.32 1.67
C HIS B 332 13.77 -0.19 1.62
N ASP B 333 12.76 -0.67 2.33
CA ASP B 333 12.50 -2.10 2.41
C ASP B 333 11.73 -2.62 1.19
N ASN B 334 11.16 -1.74 0.38
CA ASN B 334 10.43 -2.14 -0.81
C ASN B 334 10.90 -1.32 -2.01
N ARG B 335 10.21 -1.46 -3.14
CA ARG B 335 10.67 -0.88 -4.39
C ARG B 335 10.61 0.64 -4.35
N VAL B 336 11.76 1.29 -4.53
CA VAL B 336 11.82 2.74 -4.63
C VAL B 336 11.12 3.13 -5.94
N SER B 337 9.93 3.69 -5.84
CA SER B 337 9.09 3.94 -7.00
C SER B 337 9.14 5.37 -7.51
N CYS B 338 9.41 6.33 -6.63
CA CYS B 338 9.43 7.73 -7.01
C CYS B 338 10.60 8.43 -6.36
N LEU B 339 10.97 9.58 -6.93
CA LEU B 339 12.22 10.25 -6.61
C LEU B 339 12.19 11.64 -7.23
N GLY B 340 12.79 12.60 -6.54
CA GLY B 340 12.81 13.95 -7.06
C GLY B 340 13.73 14.89 -6.30
N VAL B 341 14.60 15.58 -7.03
CA VAL B 341 15.52 16.56 -6.45
C VAL B 341 14.81 17.90 -6.41
N THR B 342 14.92 18.59 -5.28
CA THR B 342 14.27 19.88 -5.09
C THR B 342 14.93 20.94 -5.98
N ASP B 343 14.23 22.07 -6.12
CA ASP B 343 14.61 23.06 -7.14
C ASP B 343 15.92 23.77 -6.81
N ASP B 344 16.14 24.11 -5.55
CA ASP B 344 17.40 24.71 -5.16
C ASP B 344 18.48 23.67 -4.86
N GLY B 345 18.15 22.39 -4.99
CA GLY B 345 19.14 21.33 -4.91
C GLY B 345 19.58 20.95 -3.52
N MET B 346 18.91 21.44 -2.47
CA MET B 346 19.35 21.13 -1.12
C MET B 346 19.00 19.71 -0.70
N ALA B 347 18.05 19.05 -1.35
CA ALA B 347 17.65 17.73 -0.91
C ALA B 347 17.07 16.93 -2.07
N VAL B 348 17.05 15.62 -1.89
CA VAL B 348 16.36 14.70 -2.79
C VAL B 348 15.44 13.83 -1.94
N ALA B 349 14.19 13.68 -2.38
CA ALA B 349 13.20 12.89 -1.66
C ALA B 349 12.81 11.69 -2.52
N THR B 350 12.96 10.49 -1.95
CA THR B 350 12.58 9.26 -2.62
C THR B 350 11.46 8.59 -1.84
N GLY B 351 10.41 8.17 -2.54
CA GLY B 351 9.37 7.35 -1.97
C GLY B 351 9.55 5.89 -2.33
N SER B 352 8.68 5.06 -1.75
CA SER B 352 8.86 3.62 -1.90
C SER B 352 7.55 2.91 -1.66
N TRP B 353 7.52 1.64 -2.07
CA TRP B 353 6.36 0.78 -1.89
C TRP B 353 6.16 0.37 -0.44
N ASP B 354 7.11 0.66 0.46
CA ASP B 354 6.99 0.33 1.86
C ASP B 354 6.36 1.45 2.68
N SER B 355 5.53 2.28 2.04
CA SER B 355 4.67 3.28 2.68
C SER B 355 5.45 4.38 3.40
N PHE B 356 6.71 4.59 3.07
CA PHE B 356 7.52 5.62 3.70
C PHE B 356 8.17 6.51 2.66
N LEU B 357 8.29 7.79 2.98
CA LEU B 357 9.09 8.73 2.23
C LEU B 357 10.36 9.04 3.00
N LYS B 358 11.43 9.35 2.27
CA LYS B 358 12.71 9.68 2.88
C LYS B 358 13.27 10.91 2.20
N ILE B 359 13.98 11.73 2.96
CA ILE B 359 14.59 12.97 2.47
C ILE B 359 16.07 12.91 2.79
N TRP B 360 16.89 13.22 1.78
CA TRP B 360 18.33 12.97 1.83
C TRP B 360 19.10 14.27 1.64
N ASN B 361 20.30 14.30 2.20
CA ASN B 361 21.19 15.46 2.07
C ASN B 361 22.63 15.06 2.40
N ALA C 10 -3.65 5.34 -44.35
CA ALA C 10 -3.53 6.73 -43.91
C ALA C 10 -2.50 6.85 -42.81
N GLN C 11 -2.34 5.79 -42.03
CA GLN C 11 -1.34 5.79 -40.96
C GLN C 11 0.08 5.78 -41.53
N ALA C 12 0.29 5.07 -42.63
CA ALA C 12 1.61 5.02 -43.26
C ALA C 12 2.02 6.37 -43.81
N ARG C 13 1.08 7.09 -44.44
CA ARG C 13 1.38 8.42 -44.97
C ARG C 13 1.70 9.40 -43.84
N LYS C 14 0.93 9.33 -42.75
CA LYS C 14 1.20 10.19 -41.60
C LYS C 14 2.55 9.88 -40.97
N LEU C 15 2.89 8.59 -40.86
CA LEU C 15 4.19 8.20 -40.31
C LEU C 15 5.33 8.67 -41.20
N VAL C 16 5.17 8.56 -42.52
CA VAL C 16 6.20 9.01 -43.45
C VAL C 16 6.38 10.53 -43.36
N GLU C 17 5.27 11.27 -43.29
CA GLU C 17 5.37 12.72 -43.17
C GLU C 17 6.01 13.15 -41.85
N GLN C 18 5.65 12.47 -40.76
CA GLN C 18 6.24 12.78 -39.46
C GLN C 18 7.74 12.48 -39.45
N LEU C 19 8.12 11.34 -40.04
CA LEU C 19 9.53 10.97 -40.07
C LEU C 19 10.32 11.89 -40.99
N LYS C 20 9.70 12.39 -42.05
CA LYS C 20 10.35 13.38 -42.91
C LYS C 20 10.53 14.71 -42.21
N MET C 21 9.52 15.14 -41.43
CA MET C 21 9.65 16.36 -40.66
C MET C 21 10.71 16.23 -39.56
N GLU C 22 10.87 15.02 -39.01
CA GLU C 22 11.95 14.78 -38.07
C GLU C 22 13.30 14.71 -38.76
N ALA C 23 13.33 14.31 -40.03
CA ALA C 23 14.59 14.15 -40.75
C ALA C 23 15.26 15.50 -41.03
N ASN C 24 14.48 16.49 -41.46
CA ASN C 24 15.03 17.77 -41.91
C ASN C 24 15.09 18.76 -40.75
N ILE C 25 15.95 18.45 -39.79
CA ILE C 25 16.23 19.31 -38.65
C ILE C 25 17.73 19.52 -38.58
N ASP C 26 18.13 20.61 -37.91
CA ASP C 26 19.54 20.95 -37.77
C ASP C 26 20.18 20.10 -36.68
N ARG C 27 21.37 19.60 -36.97
CA ARG C 27 22.14 18.79 -36.04
C ARG C 27 23.49 19.45 -35.78
N ILE C 28 23.88 19.51 -34.51
CA ILE C 28 25.20 19.97 -34.13
C ILE C 28 26.01 18.78 -33.66
N LYS C 29 27.34 18.91 -33.73
CA LYS C 29 28.24 17.82 -33.42
C LYS C 29 28.14 17.44 -31.94
N VAL C 30 28.50 16.19 -31.66
CA VAL C 30 28.45 15.69 -30.29
C VAL C 30 29.53 16.35 -29.44
N SER C 31 30.64 16.77 -30.05
CA SER C 31 31.71 17.42 -29.31
C SER C 31 31.25 18.73 -28.69
N LYS C 32 30.62 19.60 -29.49
CA LYS C 32 30.22 20.91 -28.99
C LYS C 32 29.06 20.81 -27.99
N ALA C 33 28.16 19.85 -28.19
CA ALA C 33 27.07 19.66 -27.24
C ALA C 33 27.56 19.09 -25.92
N ALA C 34 28.51 18.14 -25.98
CA ALA C 34 29.12 17.62 -24.76
C ALA C 34 29.92 18.70 -24.05
N ALA C 35 30.58 19.58 -24.81
CA ALA C 35 31.28 20.71 -24.21
C ALA C 35 30.30 21.67 -23.55
N ASP C 36 29.11 21.85 -24.15
CA ASP C 36 28.09 22.69 -23.53
C ASP C 36 27.57 22.07 -22.24
N LEU C 37 27.38 20.74 -22.22
CA LEU C 37 26.99 20.06 -21.00
C LEU C 37 28.05 20.21 -19.91
N MET C 38 29.32 20.09 -20.28
CA MET C 38 30.41 20.32 -19.33
C MET C 38 30.44 21.76 -18.84
N ALA C 39 30.20 22.73 -19.74
CA ALA C 39 30.20 24.13 -19.33
C ALA C 39 29.08 24.38 -18.33
N TYR C 40 27.92 23.76 -18.53
CA TYR C 40 26.85 23.86 -17.54
C TYR C 40 27.22 23.18 -16.23
N CYS C 41 27.91 22.03 -16.30
CA CYS C 41 28.21 21.27 -15.09
C CYS C 41 29.24 21.98 -14.21
N GLU C 42 30.36 22.42 -14.81
CA GLU C 42 31.34 23.16 -14.04
C GLU C 42 31.07 24.66 -13.97
N ALA C 43 29.97 25.15 -14.56
CA ALA C 43 29.53 26.51 -14.30
C ALA C 43 28.59 26.61 -13.11
N HIS C 44 28.08 25.48 -12.60
CA HIS C 44 27.14 25.48 -11.49
C HIS C 44 27.56 24.51 -10.39
N ALA C 45 28.85 24.18 -10.33
CA ALA C 45 29.32 23.22 -9.33
C ALA C 45 29.22 23.77 -7.91
N LYS C 46 29.47 25.08 -7.74
CA LYS C 46 29.35 25.69 -6.43
C LYS C 46 27.91 25.89 -6.00
N GLU C 47 26.95 25.78 -6.92
CA GLU C 47 25.54 25.95 -6.62
C GLU C 47 24.84 24.62 -6.36
N ASP C 48 25.56 23.50 -6.38
CA ASP C 48 24.95 22.20 -6.14
C ASP C 48 25.24 21.75 -4.72
N PRO C 49 24.24 21.69 -3.85
CA PRO C 49 24.49 21.23 -2.47
C PRO C 49 24.67 19.72 -2.36
N LEU C 50 24.01 18.96 -3.24
CA LEU C 50 24.16 17.52 -3.24
C LEU C 50 25.52 17.08 -3.78
N LEU C 51 26.16 17.93 -4.58
CA LEU C 51 27.46 17.59 -5.15
C LEU C 51 28.58 17.90 -4.17
N THR C 52 28.72 19.16 -3.77
CA THR C 52 29.65 19.54 -2.73
C THR C 52 28.91 19.69 -1.41
N PRO C 53 29.28 18.96 -0.36
CA PRO C 53 28.52 19.00 0.90
C PRO C 53 28.58 20.36 1.56
N VAL C 54 27.42 20.99 1.70
CA VAL C 54 27.30 22.32 2.30
C VAL C 54 27.56 22.24 3.80
N PRO C 55 28.02 23.31 4.44
CA PRO C 55 28.13 23.29 5.90
C PRO C 55 26.77 23.21 6.56
N ALA C 56 26.75 22.65 7.78
CA ALA C 56 25.50 22.47 8.51
C ALA C 56 24.88 23.79 8.96
N SER C 57 25.61 24.90 8.91
CA SER C 57 25.05 26.19 9.27
C SER C 57 23.95 26.61 8.30
N GLU C 58 24.15 26.37 7.00
CA GLU C 58 23.18 26.74 5.97
C GLU C 58 22.31 25.58 5.53
N ASN C 59 22.34 24.47 6.27
CA ASN C 59 21.54 23.30 5.93
C ASN C 59 20.20 23.37 6.64
N PRO C 60 19.08 23.43 5.92
CA PRO C 60 17.77 23.46 6.58
C PRO C 60 17.23 22.10 6.97
N PHE C 61 17.98 21.03 6.76
CA PHE C 61 17.58 19.67 7.13
C PHE C 61 18.54 19.19 8.22
N ARG C 62 18.20 19.48 9.47
CA ARG C 62 19.02 19.13 10.61
C ARG C 62 18.17 18.45 11.67
N GLU C 63 18.81 17.60 12.47
CA GLU C 63 18.10 16.86 13.51
C GLU C 63 17.60 17.80 14.61
N LYS C 64 16.45 17.46 15.19
CA LYS C 64 15.85 18.26 16.24
C LYS C 64 16.00 17.57 17.60
N MET D 237 24.58 -32.01 52.76
CA MET D 237 25.34 -30.88 52.26
C MET D 237 25.23 -30.78 50.74
N ILE D 238 25.16 -31.93 50.08
CA ILE D 238 25.05 -31.94 48.62
C ILE D 238 23.65 -31.56 48.16
N THR D 239 22.64 -31.65 49.03
CA THR D 239 21.30 -31.24 48.66
C THR D 239 21.21 -29.73 48.44
N ALA D 240 21.90 -28.96 49.29
CA ALA D 240 21.98 -27.52 49.06
C ALA D 240 22.71 -27.21 47.77
N ILE D 241 23.74 -28.00 47.44
CA ILE D 241 24.48 -27.81 46.20
C ILE D 241 23.57 -28.04 45.00
N THR D 242 22.79 -29.11 45.03
CA THR D 242 21.91 -29.41 43.89
C THR D 242 20.79 -28.38 43.77
N ILE D 243 20.24 -27.91 44.89
CA ILE D 243 19.18 -26.92 44.83
C ILE D 243 19.70 -25.59 44.31
N MET D 244 20.89 -25.16 44.78
CA MET D 244 21.52 -23.97 44.24
C MET D 244 21.81 -24.12 42.75
N ALA D 245 22.27 -25.30 42.34
CA ALA D 245 22.59 -25.53 40.93
C ALA D 245 21.34 -25.45 40.05
N LEU D 246 20.24 -26.05 40.49
CA LEU D 246 19.02 -26.01 39.68
C LEU D 246 18.43 -24.61 39.62
N TYR D 247 18.43 -23.88 40.74
CA TYR D 247 18.00 -22.48 40.72
C TYR D 247 18.88 -21.64 39.80
N SER D 248 20.20 -21.86 39.83
CA SER D 248 21.10 -21.06 39.02
C SER D 248 20.90 -21.34 37.53
N ILE D 249 20.81 -22.62 37.15
CA ILE D 249 20.67 -22.92 35.72
C ILE D 249 19.31 -22.47 35.20
N VAL D 250 18.26 -22.60 36.01
CA VAL D 250 16.94 -22.13 35.59
C VAL D 250 16.95 -20.61 35.44
N CYS D 251 17.56 -19.89 36.40
CA CYS D 251 17.60 -18.43 36.32
C CYS D 251 18.39 -17.96 35.11
N VAL D 252 19.55 -18.56 34.84
CA VAL D 252 20.36 -18.09 33.73
C VAL D 252 19.71 -18.43 32.39
N VAL D 253 19.07 -19.61 32.29
CA VAL D 253 18.40 -19.97 31.04
C VAL D 253 17.21 -19.05 30.79
N GLY D 254 16.40 -18.78 31.82
CA GLY D 254 15.27 -17.88 31.64
C GLY D 254 15.68 -16.47 31.30
N LEU D 255 16.70 -15.94 31.99
CA LEU D 255 17.16 -14.58 31.72
C LEU D 255 17.72 -14.47 30.30
N PHE D 256 18.54 -15.44 29.88
CA PHE D 256 19.10 -15.39 28.53
C PHE D 256 18.03 -15.50 27.46
N GLY D 257 17.09 -16.45 27.64
CA GLY D 257 16.05 -16.63 26.63
C GLY D 257 15.13 -15.42 26.52
N ASN D 258 14.67 -14.90 27.65
CA ASN D 258 13.74 -13.78 27.63
C ASN D 258 14.44 -12.45 27.38
N PHE D 259 15.77 -12.39 27.43
CA PHE D 259 16.46 -11.20 26.95
C PHE D 259 16.70 -11.27 25.45
N LEU D 260 17.05 -12.44 24.93
CA LEU D 260 17.28 -12.56 23.49
C LEU D 260 15.98 -12.40 22.72
N VAL D 261 14.87 -12.90 23.28
CA VAL D 261 13.57 -12.71 22.64
C VAL D 261 13.21 -11.23 22.59
N MET D 262 13.44 -10.50 23.69
CA MET D 262 13.18 -9.06 23.69
C MET D 262 14.07 -8.34 22.69
N TYR D 263 15.35 -8.71 22.62
CA TYR D 263 16.27 -8.05 21.70
C TYR D 263 15.85 -8.26 20.27
N VAL D 264 15.45 -9.49 19.92
CA VAL D 264 14.97 -9.76 18.57
C VAL D 264 13.70 -8.99 18.28
N ILE D 265 12.75 -9.00 19.22
CA ILE D 265 11.43 -8.42 18.97
C ILE D 265 11.43 -6.90 19.13
N VAL D 266 12.54 -6.32 19.56
CA VAL D 266 12.71 -4.87 19.54
C VAL D 266 13.52 -4.42 18.32
N ARG D 267 14.60 -5.13 18.01
CA ARG D 267 15.52 -4.70 16.95
C ARG D 267 15.09 -5.21 15.57
N TYR D 268 14.94 -6.52 15.41
CA TYR D 268 14.74 -7.09 14.08
C TYR D 268 13.29 -6.97 13.64
N THR D 269 12.39 -7.66 14.34
CA THR D 269 10.96 -7.41 14.18
C THR D 269 10.51 -6.41 15.23
N LYS D 270 9.31 -5.88 15.05
CA LYS D 270 8.83 -4.81 15.90
C LYS D 270 7.56 -5.26 16.63
N MET D 271 6.92 -4.31 17.29
CA MET D 271 5.65 -4.53 17.98
C MET D 271 4.46 -4.04 17.16
N LYS D 272 4.53 -4.20 15.83
CA LYS D 272 3.49 -3.75 14.93
C LYS D 272 2.35 -4.75 14.76
N THR D 273 2.43 -5.90 15.42
CA THR D 273 1.36 -6.89 15.39
C THR D 273 0.94 -7.22 16.81
N ALA D 274 -0.27 -7.76 16.95
CA ALA D 274 -0.79 -8.12 18.26
C ALA D 274 0.03 -9.21 18.92
N THR D 275 0.41 -10.23 18.14
CA THR D 275 1.16 -11.35 18.70
C THR D 275 2.56 -10.95 19.14
N ASN D 276 3.17 -9.97 18.47
CA ASN D 276 4.51 -9.54 18.89
C ASN D 276 4.45 -8.75 20.19
N ILE D 277 3.40 -7.93 20.36
CA ILE D 277 3.21 -7.22 21.63
C ILE D 277 2.97 -8.23 22.75
N TYR D 278 2.15 -9.25 22.48
CA TYR D 278 1.90 -10.29 23.50
C TYR D 278 3.18 -11.03 23.86
N ILE D 279 4.01 -11.37 22.87
CA ILE D 279 5.23 -12.11 23.13
C ILE D 279 6.22 -11.25 23.91
N PHE D 280 6.33 -9.96 23.57
CA PHE D 280 7.22 -9.06 24.29
C PHE D 280 6.78 -8.90 25.74
N ASN D 281 5.48 -8.75 25.98
CA ASN D 281 5.02 -8.61 27.35
C ASN D 281 5.17 -9.89 28.14
N LEU D 282 4.98 -11.05 27.49
CA LEU D 282 5.27 -12.32 28.16
C LEU D 282 6.76 -12.44 28.49
N ALA D 283 7.62 -11.96 27.60
CA ALA D 283 9.06 -11.97 27.86
C ALA D 283 9.42 -11.08 29.04
N LEU D 284 8.79 -9.90 29.14
CA LEU D 284 9.00 -9.04 30.31
C LEU D 284 8.55 -9.74 31.59
N ALA D 285 7.38 -10.39 31.54
CA ALA D 285 6.86 -11.10 32.70
C ALA D 285 7.81 -12.21 33.13
N ASP D 286 8.27 -13.01 32.17
CA ASP D 286 9.14 -14.14 32.50
C ASP D 286 10.51 -13.67 32.98
N ALA D 287 11.04 -12.59 32.39
CA ALA D 287 12.36 -12.14 32.78
C ALA D 287 12.36 -11.49 34.16
N LEU D 288 11.38 -10.65 34.45
CA LEU D 288 11.31 -10.07 35.78
C LEU D 288 10.91 -11.12 36.82
N ALA D 289 10.18 -12.15 36.41
CA ALA D 289 9.81 -13.21 37.33
C ALA D 289 11.02 -14.05 37.74
N THR D 290 11.87 -14.40 36.78
CA THR D 290 13.04 -15.24 37.05
C THR D 290 14.23 -14.46 37.57
N SER D 291 14.14 -13.13 37.66
CA SER D 291 15.19 -12.35 38.29
C SER D 291 15.11 -12.38 39.81
N THR D 292 14.02 -12.91 40.37
CA THR D 292 13.89 -13.11 41.80
C THR D 292 14.51 -14.40 42.27
N LEU D 293 14.90 -15.28 41.35
CA LEU D 293 15.52 -16.55 41.72
C LEU D 293 16.83 -16.43 42.49
N PRO D 294 17.76 -15.51 42.20
CA PRO D 294 18.95 -15.39 43.07
C PRO D 294 18.61 -15.06 44.51
N PHE D 295 17.56 -14.27 44.75
CA PHE D 295 17.20 -13.92 46.12
C PHE D 295 16.67 -15.13 46.90
N GLN D 296 15.75 -15.88 46.29
CA GLN D 296 15.27 -17.11 46.94
C GLN D 296 16.38 -18.13 47.09
N SER D 297 17.29 -18.19 46.11
CA SER D 297 18.39 -19.14 46.16
C SER D 297 19.33 -18.83 47.31
N VAL D 298 19.70 -17.56 47.49
CA VAL D 298 20.59 -17.19 48.59
C VAL D 298 19.85 -17.25 49.92
N ASN D 299 18.52 -17.05 49.91
CA ASN D 299 17.73 -17.21 51.12
C ASN D 299 17.72 -18.66 51.59
N TYR D 300 17.60 -19.61 50.65
CA TYR D 300 17.70 -21.01 51.03
C TYR D 300 19.12 -21.37 51.45
N LEU D 301 20.12 -20.82 50.76
CA LEU D 301 21.50 -21.18 51.05
C LEU D 301 21.92 -20.74 52.46
N MET D 302 21.58 -19.50 52.83
CA MET D 302 21.98 -19.00 54.14
C MET D 302 21.01 -19.40 55.25
N GLY D 303 19.73 -19.56 54.93
CA GLY D 303 18.71 -19.77 55.93
C GLY D 303 18.29 -18.52 56.65
N THR D 304 18.85 -17.37 56.29
CA THR D 304 18.57 -16.09 56.91
C THR D 304 18.48 -15.04 55.82
N TRP D 305 17.45 -14.19 55.88
CA TRP D 305 17.26 -13.15 54.89
C TRP D 305 17.84 -11.86 55.40
N PRO D 306 18.98 -11.39 54.89
CA PRO D 306 19.63 -10.17 55.41
C PRO D 306 19.29 -8.89 54.66
N PHE D 307 18.47 -8.95 53.63
CA PHE D 307 18.25 -7.81 52.74
C PHE D 307 17.23 -6.82 53.27
N GLY D 308 16.63 -7.07 54.42
CA GLY D 308 15.66 -6.16 54.99
C GLY D 308 14.26 -6.42 54.48
N THR D 309 13.29 -5.71 55.09
CA THR D 309 11.90 -5.91 54.71
C THR D 309 11.55 -5.28 53.37
N ILE D 310 12.24 -4.20 52.99
CA ILE D 310 11.90 -3.50 51.75
C ILE D 310 12.30 -4.33 50.54
N LEU D 311 13.49 -4.93 50.57
CA LEU D 311 13.92 -5.73 49.43
C LEU D 311 13.15 -7.03 49.35
N CYS D 312 12.79 -7.62 50.49
CA CYS D 312 11.92 -8.80 50.47
C CYS D 312 10.55 -8.47 49.89
N LYS D 313 9.98 -7.32 50.28
CA LYS D 313 8.71 -6.89 49.72
C LYS D 313 8.81 -6.74 48.21
N ILE D 314 9.87 -6.08 47.74
CA ILE D 314 10.05 -5.85 46.31
C ILE D 314 10.19 -7.18 45.56
N VAL D 315 11.01 -8.09 46.09
CA VAL D 315 11.28 -9.36 45.41
C VAL D 315 10.03 -10.23 45.35
N ILE D 316 9.32 -10.37 46.47
CA ILE D 316 8.17 -11.27 46.47
C ILE D 316 7.00 -10.67 45.69
N SER D 317 6.86 -9.33 45.69
CA SER D 317 5.83 -8.70 44.89
C SER D 317 6.12 -8.84 43.41
N ILE D 318 7.39 -8.68 43.02
CA ILE D 318 7.77 -8.88 41.62
C ILE D 318 7.52 -10.32 41.20
N ASP D 319 7.82 -11.27 42.10
CA ASP D 319 7.60 -12.69 41.81
C ASP D 319 6.13 -12.97 41.53
N TYR D 320 5.24 -12.65 42.48
CA TYR D 320 3.82 -12.93 42.32
C TYR D 320 3.23 -12.17 41.14
N TYR D 321 3.55 -10.88 41.03
CA TYR D 321 2.98 -10.01 40.00
C TYR D 321 3.40 -10.47 38.61
N ASN D 322 4.67 -10.84 38.42
CA ASN D 322 5.13 -11.23 37.10
C ASN D 322 4.71 -12.65 36.74
N MET D 323 4.57 -13.55 37.72
CA MET D 323 3.99 -14.85 37.42
C MET D 323 2.55 -14.70 36.94
N PHE D 324 1.79 -13.82 37.60
CA PHE D 324 0.40 -13.62 37.18
C PHE D 324 0.31 -12.95 35.81
N THR D 325 1.18 -11.99 35.51
CA THR D 325 1.19 -11.40 34.17
C THR D 325 1.55 -12.44 33.11
N SER D 326 2.54 -13.30 33.39
CA SER D 326 2.91 -14.33 32.42
C SER D 326 1.76 -15.29 32.15
N ILE D 327 1.07 -15.73 33.20
CA ILE D 327 -0.05 -16.64 33.04
C ILE D 327 -1.20 -15.96 32.29
N PHE D 328 -1.48 -14.70 32.61
CA PHE D 328 -2.55 -13.97 31.93
C PHE D 328 -2.22 -13.75 30.46
N THR D 329 -0.94 -13.52 30.14
CA THR D 329 -0.55 -13.33 28.75
C THR D 329 -0.64 -14.63 27.96
N LEU D 330 -0.32 -15.76 28.60
CA LEU D 330 -0.56 -17.05 27.96
C LEU D 330 -2.05 -17.26 27.68
N CYS D 331 -2.90 -16.93 28.65
CA CYS D 331 -4.34 -17.06 28.47
C CYS D 331 -4.84 -16.17 27.33
N THR D 332 -4.39 -14.91 27.28
CA THR D 332 -4.89 -14.01 26.25
C THR D 332 -4.29 -14.33 24.88
N MET D 333 -3.12 -14.97 24.81
CA MET D 333 -2.62 -15.44 23.52
C MET D 333 -3.43 -16.61 23.00
N SER D 334 -3.81 -17.54 23.89
CA SER D 334 -4.69 -18.64 23.46
C SER D 334 -6.04 -18.11 23.03
N VAL D 335 -6.58 -17.12 23.76
CA VAL D 335 -7.85 -16.49 23.37
C VAL D 335 -7.71 -15.80 22.02
N ASP D 336 -6.59 -15.12 21.79
CA ASP D 336 -6.36 -14.43 20.54
C ASP D 336 -6.32 -15.38 19.37
N ARG D 337 -5.62 -16.51 19.51
CA ARG D 337 -5.54 -17.48 18.42
C ARG D 337 -6.89 -18.16 18.17
N TYR D 338 -7.64 -18.45 19.26
CA TYR D 338 -8.97 -19.01 19.10
C TYR D 338 -9.90 -18.06 18.37
N ILE D 339 -9.82 -16.76 18.69
CA ILE D 339 -10.64 -15.77 18.00
C ILE D 339 -10.21 -15.62 16.55
N ALA D 340 -8.90 -15.68 16.30
CA ALA D 340 -8.39 -15.57 14.93
C ALA D 340 -8.88 -16.70 14.06
N VAL D 341 -8.93 -17.92 14.59
CA VAL D 341 -9.36 -19.06 13.80
C VAL D 341 -10.88 -19.15 13.74
N CYS D 342 -11.52 -19.32 14.89
CA CYS D 342 -12.94 -19.64 14.92
C CYS D 342 -13.86 -18.47 14.64
N HIS D 343 -13.42 -17.23 14.86
CA HIS D 343 -14.23 -16.04 14.65
C HIS D 343 -13.47 -15.04 13.78
N PRO D 344 -13.33 -15.33 12.48
CA PRO D 344 -12.42 -14.52 11.66
C PRO D 344 -12.95 -13.15 11.32
N VAL D 345 -14.27 -13.03 11.10
CA VAL D 345 -14.88 -11.75 10.77
C VAL D 345 -14.74 -10.77 11.94
N LYS D 346 -14.96 -11.26 13.17
CA LYS D 346 -14.76 -10.42 14.34
C LYS D 346 -13.29 -10.17 14.61
N ALA D 347 -12.43 -11.13 14.28
CA ALA D 347 -11.00 -10.95 14.43
C ALA D 347 -10.40 -10.02 13.39
N LEU D 348 -11.18 -9.64 12.37
CA LEU D 348 -10.72 -8.61 11.45
C LEU D 348 -10.52 -7.27 12.16
N ASP D 349 -11.43 -6.92 13.09
CA ASP D 349 -11.32 -5.65 13.80
C ASP D 349 -10.91 -5.80 15.25
N PHE D 350 -11.06 -6.98 15.85
CA PHE D 350 -10.62 -7.15 17.23
C PHE D 350 -9.10 -7.24 17.32
N ARG D 351 -8.47 -7.91 16.35
CA ARG D 351 -7.04 -8.17 16.39
C ARG D 351 -6.28 -7.01 15.74
N THR D 352 -6.10 -5.96 16.53
CA THR D 352 -5.32 -4.78 16.13
C THR D 352 -4.26 -4.53 17.19
N PRO D 353 -3.14 -3.89 16.82
CA PRO D 353 -2.10 -3.60 17.82
C PRO D 353 -2.57 -2.72 18.96
N ARG D 354 -3.46 -1.77 18.70
CA ARG D 354 -3.97 -0.91 19.77
C ARG D 354 -4.78 -1.71 20.79
N ASN D 355 -5.64 -2.62 20.31
CA ASN D 355 -6.40 -3.47 21.22
C ASN D 355 -5.48 -4.41 21.99
N ALA D 356 -4.40 -4.89 21.35
CA ALA D 356 -3.42 -5.71 22.06
C ALA D 356 -2.74 -4.91 23.16
N LYS D 357 -2.43 -3.64 22.89
CA LYS D 357 -1.85 -2.79 23.93
C LYS D 357 -2.81 -2.60 25.09
N ILE D 358 -4.09 -2.39 24.79
CA ILE D 358 -5.09 -2.21 25.86
C ILE D 358 -5.21 -3.48 26.68
N ILE D 359 -5.21 -4.64 26.01
CA ILE D 359 -5.34 -5.92 26.71
C ILE D 359 -4.11 -6.18 27.59
N ASN D 360 -2.91 -5.83 27.10
CA ASN D 360 -1.72 -6.00 27.91
C ASN D 360 -1.73 -5.09 29.13
N VAL D 361 -2.13 -3.82 28.95
CA VAL D 361 -2.24 -2.91 30.08
C VAL D 361 -3.24 -3.43 31.10
N CYS D 362 -4.35 -4.02 30.61
CA CYS D 362 -5.33 -4.63 31.50
C CYS D 362 -4.73 -5.82 32.25
N ASN D 363 -3.90 -6.63 31.57
CA ASN D 363 -3.26 -7.77 32.22
C ASN D 363 -2.36 -7.32 33.37
N TRP D 364 -1.51 -6.33 33.11
CA TRP D 364 -0.63 -5.83 34.15
C TRP D 364 -1.43 -5.15 35.27
N ILE D 365 -2.57 -4.52 34.95
CA ILE D 365 -3.38 -3.87 35.97
C ILE D 365 -4.07 -4.88 36.89
N LEU D 366 -4.67 -5.93 36.31
CA LEU D 366 -5.25 -6.98 37.16
C LEU D 366 -4.19 -7.72 37.98
N SER D 367 -2.99 -7.91 37.42
CA SER D 367 -1.94 -8.50 38.24
C SER D 367 -1.50 -7.56 39.35
N SER D 368 -1.55 -6.25 39.12
CA SER D 368 -1.32 -5.30 40.21
C SER D 368 -2.38 -5.43 41.28
N ALA D 369 -3.64 -5.60 40.86
CA ALA D 369 -4.73 -5.76 41.81
C ALA D 369 -4.58 -7.05 42.62
N ILE D 370 -4.00 -8.09 42.02
CA ILE D 370 -3.80 -9.34 42.74
C ILE D 370 -2.47 -9.38 43.52
N GLY D 371 -1.54 -8.47 43.22
CA GLY D 371 -0.25 -8.50 43.88
C GLY D 371 0.06 -7.36 44.83
N LEU D 372 -0.82 -6.37 44.92
CA LEU D 372 -0.66 -5.33 45.93
C LEU D 372 -0.94 -5.82 47.35
N PRO D 373 -1.85 -6.79 47.58
CA PRO D 373 -1.85 -7.46 48.89
C PRO D 373 -0.53 -8.13 49.25
N VAL D 374 0.22 -8.63 48.26
CA VAL D 374 1.55 -9.14 48.56
C VAL D 374 2.49 -8.02 48.96
N MET D 375 2.32 -6.82 48.37
CA MET D 375 3.09 -5.66 48.80
C MET D 375 2.79 -5.29 50.24
N PHE D 376 1.52 -5.24 50.60
CA PHE D 376 1.11 -4.76 51.92
C PHE D 376 1.00 -5.87 52.96
N MET D 377 1.33 -7.11 52.62
CA MET D 377 1.27 -8.21 53.57
C MET D 377 2.63 -8.87 53.84
N ALA D 378 3.59 -8.74 52.94
CA ALA D 378 4.90 -9.33 53.18
C ALA D 378 5.63 -8.61 54.30
N THR D 379 6.30 -9.37 55.16
CA THR D 379 7.06 -8.80 56.26
C THR D 379 8.15 -9.79 56.63
N THR D 380 9.13 -9.30 57.40
CA THR D 380 10.30 -10.09 57.80
C THR D 380 10.20 -10.34 59.30
N LYS D 381 9.77 -11.55 59.66
CA LYS D 381 9.56 -11.94 61.05
C LYS D 381 10.77 -12.69 61.58
N TYR D 382 10.77 -12.92 62.89
CA TYR D 382 11.86 -13.59 63.59
C TYR D 382 11.37 -14.93 64.10
N ARG D 383 12.17 -15.99 63.90
CA ARG D 383 11.82 -17.30 64.43
C ARG D 383 13.09 -18.11 64.67
N GLN D 384 13.19 -18.68 65.89
CA GLN D 384 14.24 -19.63 66.27
C GLN D 384 15.65 -19.04 66.12
N GLY D 385 15.78 -17.72 66.24
CA GLY D 385 17.06 -17.07 66.09
C GLY D 385 17.45 -16.75 64.67
N SER D 386 16.74 -17.29 63.67
CA SER D 386 16.96 -16.98 62.27
C SER D 386 15.96 -15.94 61.81
N ILE D 387 16.26 -15.35 60.66
CA ILE D 387 15.45 -14.27 60.08
C ILE D 387 14.86 -14.79 58.78
N ASP D 388 13.54 -14.75 58.68
CA ASP D 388 12.86 -15.18 57.46
C ASP D 388 11.75 -14.20 57.14
N CYS D 389 11.46 -14.03 55.85
CA CYS D 389 10.41 -13.13 55.42
C CYS D 389 9.38 -13.90 54.61
N THR D 390 8.12 -13.80 55.05
CA THR D 390 6.99 -14.47 54.42
C THR D 390 5.84 -13.46 54.42
N LEU D 391 4.63 -13.95 54.17
CA LEU D 391 3.43 -13.11 54.22
C LEU D 391 2.77 -13.25 55.59
N THR D 392 2.52 -12.11 56.23
CA THR D 392 1.74 -12.09 57.45
C THR D 392 0.29 -11.73 57.12
N PHE D 393 -0.61 -12.09 58.04
CA PHE D 393 -2.04 -11.95 57.80
C PHE D 393 -2.69 -11.37 59.05
N SER D 394 -4.02 -11.35 59.05
CA SER D 394 -4.79 -10.78 60.15
C SER D 394 -4.92 -11.83 61.27
N HIS D 395 -5.80 -11.55 62.23
CA HIS D 395 -6.06 -12.52 63.29
C HIS D 395 -6.59 -13.86 62.79
N PRO D 396 -7.55 -13.93 61.82
CA PRO D 396 -7.79 -15.27 61.22
C PRO D 396 -6.75 -15.61 60.17
N THR D 397 -5.60 -16.09 60.64
CA THR D 397 -4.49 -16.39 59.75
C THR D 397 -4.82 -17.55 58.82
N TRP D 398 -5.54 -18.55 59.32
CA TRP D 398 -5.91 -19.70 58.50
C TRP D 398 -6.83 -19.30 57.35
N TYR D 399 -7.78 -18.39 57.61
CA TYR D 399 -8.74 -18.01 56.58
C TYR D 399 -8.06 -17.25 55.45
N TRP D 400 -7.22 -16.27 55.77
CA TRP D 400 -6.54 -15.49 54.73
C TRP D 400 -5.48 -16.33 54.03
N GLU D 401 -4.81 -17.22 54.77
CA GLU D 401 -3.83 -18.12 54.16
C GLU D 401 -4.50 -19.03 53.13
N ASN D 402 -5.59 -19.68 53.52
CA ASN D 402 -6.30 -20.55 52.59
C ASN D 402 -6.96 -19.77 51.47
N LEU D 403 -7.34 -18.52 51.73
CA LEU D 403 -7.89 -17.67 50.67
C LEU D 403 -6.83 -17.38 49.60
N LEU D 404 -5.60 -17.07 50.02
CA LEU D 404 -4.53 -16.84 49.06
C LEU D 404 -4.19 -18.13 48.32
N LYS D 405 -4.19 -19.26 49.03
CA LYS D 405 -3.94 -20.55 48.38
C LYS D 405 -5.01 -20.85 47.33
N ILE D 406 -6.27 -20.56 47.64
CA ILE D 406 -7.36 -20.77 46.70
C ILE D 406 -7.22 -19.83 45.50
N CYS D 407 -6.95 -18.56 45.75
CA CYS D 407 -6.82 -17.58 44.67
C CYS D 407 -5.57 -17.79 43.83
N VAL D 408 -4.62 -18.59 44.29
CA VAL D 408 -3.51 -19.00 43.42
C VAL D 408 -3.84 -20.30 42.69
N PHE D 409 -4.50 -21.25 43.36
CA PHE D 409 -4.79 -22.54 42.73
C PHE D 409 -5.80 -22.40 41.60
N ILE D 410 -6.92 -21.71 41.85
CA ILE D 410 -7.94 -21.59 40.83
C ILE D 410 -7.59 -20.52 39.80
N PHE D 411 -7.16 -19.35 40.25
CA PHE D 411 -6.97 -18.25 39.31
C PHE D 411 -5.63 -18.29 38.58
N ALA D 412 -4.77 -19.28 38.87
CA ALA D 412 -3.53 -19.43 38.12
C ALA D 412 -3.27 -20.85 37.63
N PHE D 413 -4.04 -21.85 38.06
CA PHE D 413 -3.93 -23.17 37.48
C PHE D 413 -5.23 -23.67 36.88
N ILE D 414 -6.34 -23.61 37.61
CA ILE D 414 -7.57 -24.25 37.14
C ILE D 414 -8.19 -23.46 35.99
N MET D 415 -8.44 -22.17 36.23
CA MET D 415 -8.97 -21.31 35.16
C MET D 415 -8.06 -21.18 33.94
N PRO D 416 -6.73 -21.01 34.06
CA PRO D 416 -5.91 -20.98 32.83
C PRO D 416 -5.91 -22.27 32.04
N VAL D 417 -5.90 -23.42 32.71
CA VAL D 417 -5.88 -24.70 32.01
C VAL D 417 -7.18 -24.91 31.23
N LEU D 418 -8.33 -24.65 31.86
CA LEU D 418 -9.61 -24.81 31.18
C LEU D 418 -9.72 -23.88 29.99
N ILE D 419 -9.30 -22.62 30.15
CA ILE D 419 -9.33 -21.64 29.06
C ILE D 419 -8.47 -22.10 27.90
N ILE D 420 -7.22 -22.50 28.21
CA ILE D 420 -6.28 -22.82 27.14
C ILE D 420 -6.70 -24.11 26.43
N THR D 421 -7.22 -25.10 27.17
CA THR D 421 -7.63 -26.35 26.52
C THR D 421 -8.88 -26.16 25.69
N VAL D 422 -9.86 -25.40 26.18
CA VAL D 422 -11.08 -25.17 25.41
C VAL D 422 -10.77 -24.39 24.14
N CYS D 423 -9.99 -23.31 24.27
CA CYS D 423 -9.67 -22.47 23.12
C CYS D 423 -8.86 -23.25 22.08
N TYR D 424 -7.84 -23.98 22.53
CA TYR D 424 -7.02 -24.73 21.58
C TYR D 424 -7.75 -25.92 20.99
N GLY D 425 -8.61 -26.60 21.74
CA GLY D 425 -9.37 -27.69 21.17
C GLY D 425 -10.36 -27.22 20.11
N LEU D 426 -11.05 -26.12 20.37
CA LEU D 426 -11.95 -25.57 19.37
C LEU D 426 -11.18 -25.10 18.14
N MET D 427 -10.01 -24.49 18.34
CA MET D 427 -9.17 -24.05 17.24
C MET D 427 -8.69 -25.23 16.40
N ILE D 428 -8.32 -26.33 17.04
CA ILE D 428 -7.82 -27.50 16.31
C ILE D 428 -8.94 -28.17 15.52
N LEU D 429 -10.14 -28.27 16.11
CA LEU D 429 -11.27 -28.81 15.35
C LEU D 429 -11.61 -27.94 14.15
N ARG D 430 -11.60 -26.61 14.34
CA ARG D 430 -11.89 -25.71 13.23
C ARG D 430 -10.83 -25.80 12.14
N LEU D 431 -9.56 -25.95 12.53
CA LEU D 431 -8.51 -26.11 11.52
C LEU D 431 -8.59 -27.46 10.84
N LYS D 432 -9.14 -28.47 11.51
CA LYS D 432 -9.41 -29.72 10.84
C LYS D 432 -10.59 -29.60 9.89
N SER D 433 -11.43 -28.59 10.07
CA SER D 433 -12.54 -28.36 9.16
C SER D 433 -12.21 -27.43 7.99
N VAL D 434 -11.01 -26.81 7.94
CA VAL D 434 -10.72 -25.79 6.94
C VAL D 434 -10.14 -26.47 5.70
N ARG D 435 -10.32 -25.82 4.55
CA ARG D 435 -9.97 -26.42 3.26
C ARG D 435 -8.46 -26.43 3.02
N MET D 436 -7.77 -25.37 3.40
CA MET D 436 -6.35 -25.24 3.07
C MET D 436 -5.43 -26.03 4.00
N LEU D 437 -5.98 -26.73 4.99
CA LEU D 437 -5.20 -27.61 5.85
C LEU D 437 -5.66 -29.06 5.74
N SER D 438 -6.27 -29.42 4.60
CA SER D 438 -6.73 -30.78 4.39
C SER D 438 -6.82 -31.05 2.90
N GLY D 439 -6.76 -32.34 2.54
CA GLY D 439 -6.90 -32.77 1.18
C GLY D 439 -5.62 -33.09 0.44
N SER D 440 -4.47 -33.06 1.11
CA SER D 440 -3.20 -33.32 0.47
C SER D 440 -2.21 -33.76 1.55
N LYS D 441 -1.03 -34.21 1.11
CA LYS D 441 0.00 -34.63 2.06
C LYS D 441 0.59 -33.45 2.81
N GLU D 442 0.94 -32.39 2.08
CA GLU D 442 1.59 -31.24 2.72
C GLU D 442 0.62 -30.47 3.61
N LYS D 443 -0.64 -30.33 3.19
CA LYS D 443 -1.63 -29.70 4.04
C LYS D 443 -1.86 -30.51 5.31
N ASP D 444 -1.87 -31.84 5.19
CA ASP D 444 -2.07 -32.69 6.36
C ASP D 444 -0.90 -32.61 7.32
N ARG D 445 0.34 -32.58 6.81
CA ARG D 445 1.47 -32.46 7.72
C ARG D 445 1.54 -31.07 8.34
N ASN D 446 1.08 -30.04 7.62
CA ASN D 446 0.97 -28.72 8.23
C ASN D 446 -0.04 -28.71 9.37
N LEU D 447 -1.22 -29.29 9.14
CA LEU D 447 -2.24 -29.36 10.18
C LEU D 447 -1.74 -30.16 11.37
N ARG D 448 -1.00 -31.24 11.12
CA ARG D 448 -0.39 -32.00 12.20
C ARG D 448 0.66 -31.18 12.93
N ARG D 449 1.35 -30.28 12.23
CA ARG D 449 2.33 -29.40 12.88
C ARG D 449 1.67 -28.43 13.84
N ILE D 450 0.58 -27.77 13.41
CA ILE D 450 -0.15 -26.90 14.34
C ILE D 450 -0.73 -27.71 15.49
N THR D 451 -1.27 -28.90 15.21
CA THR D 451 -1.82 -29.74 16.27
C THR D 451 -0.75 -30.12 17.29
N ARG D 452 0.45 -30.50 16.80
CA ARG D 452 1.54 -30.88 17.68
C ARG D 452 2.03 -29.69 18.50
N MET D 453 2.10 -28.50 17.90
CA MET D 453 2.49 -27.30 18.65
C MET D 453 1.49 -27.00 19.77
N VAL D 454 0.20 -27.11 19.46
CA VAL D 454 -0.84 -26.92 20.47
C VAL D 454 -0.69 -27.92 21.61
N LEU D 455 -0.51 -29.20 21.27
CA LEU D 455 -0.38 -30.23 22.28
C LEU D 455 0.87 -30.03 23.12
N VAL D 456 1.97 -29.60 22.50
CA VAL D 456 3.20 -29.33 23.23
C VAL D 456 3.01 -28.19 24.22
N VAL D 457 2.36 -27.12 23.80
CA VAL D 457 2.14 -25.98 24.69
C VAL D 457 1.29 -26.38 25.89
N VAL D 458 0.18 -27.08 25.63
CA VAL D 458 -0.72 -27.48 26.70
C VAL D 458 -0.04 -28.46 27.65
N ALA D 459 0.71 -29.43 27.09
CA ALA D 459 1.39 -30.42 27.90
C ALA D 459 2.49 -29.81 28.75
N VAL D 460 3.25 -28.85 28.20
CA VAL D 460 4.29 -28.19 28.98
C VAL D 460 3.69 -27.40 30.13
N PHE D 461 2.60 -26.66 29.88
CA PHE D 461 1.95 -25.93 30.97
C PHE D 461 1.45 -26.87 32.05
N ILE D 462 0.78 -27.96 31.66
CA ILE D 462 0.19 -28.87 32.63
C ILE D 462 1.27 -29.58 33.44
N VAL D 463 2.28 -30.13 32.75
CA VAL D 463 3.34 -30.87 33.43
C VAL D 463 4.18 -29.96 34.32
N CYS D 464 4.38 -28.70 33.92
CA CYS D 464 5.17 -27.81 34.76
C CYS D 464 4.39 -27.28 35.96
N TRP D 465 3.08 -27.06 35.83
CA TRP D 465 2.35 -26.43 36.93
C TRP D 465 1.62 -27.40 37.83
N THR D 466 1.35 -28.62 37.39
CA THR D 466 0.63 -29.58 38.24
C THR D 466 1.37 -29.97 39.53
N PRO D 467 2.66 -30.36 39.52
CA PRO D 467 3.27 -30.84 40.78
C PRO D 467 3.35 -29.81 41.89
N ILE D 468 3.59 -28.54 41.56
CA ILE D 468 3.73 -27.54 42.62
C ILE D 468 2.38 -27.24 43.27
N HIS D 469 1.30 -27.15 42.49
CA HIS D 469 -0.01 -26.87 43.06
C HIS D 469 -0.52 -28.05 43.86
N ILE D 470 -0.30 -29.28 43.38
CA ILE D 470 -0.68 -30.47 44.12
C ILE D 470 0.11 -30.57 45.42
N TYR D 471 1.41 -30.28 45.35
CA TYR D 471 2.25 -30.29 46.54
C TYR D 471 1.78 -29.27 47.57
N VAL D 472 1.44 -28.06 47.11
CA VAL D 472 0.95 -27.01 48.00
C VAL D 472 -0.36 -27.42 48.64
N ILE D 473 -1.28 -28.00 47.86
CA ILE D 473 -2.58 -28.41 48.39
C ILE D 473 -2.41 -29.49 49.45
N ILE D 474 -1.64 -30.54 49.14
CA ILE D 474 -1.51 -31.62 50.09
C ILE D 474 -0.59 -31.27 51.27
N LYS D 475 0.23 -30.23 51.15
CA LYS D 475 0.91 -29.72 52.32
C LYS D 475 -0.02 -28.91 53.19
N ALA D 476 -0.98 -28.20 52.59
CA ALA D 476 -1.99 -27.51 53.38
C ALA D 476 -2.90 -28.50 54.11
N LEU D 477 -3.20 -29.64 53.47
CA LEU D 477 -4.12 -30.60 54.08
C LEU D 477 -3.44 -31.40 55.20
N VAL D 478 -2.41 -32.18 54.85
CA VAL D 478 -1.74 -33.03 55.81
C VAL D 478 -0.36 -32.45 56.11
N THR D 479 0.20 -32.88 57.24
CA THR D 479 1.47 -32.35 57.73
C THR D 479 2.62 -33.23 57.23
N ILE D 480 3.31 -32.76 56.20
CA ILE D 480 4.48 -33.45 55.69
C ILE D 480 5.66 -33.19 56.62
N PRO D 481 6.29 -34.24 57.16
CA PRO D 481 7.46 -34.01 58.02
C PRO D 481 8.63 -33.46 57.24
N GLU D 482 9.45 -32.66 57.92
CA GLU D 482 10.60 -32.01 57.29
C GLU D 482 11.73 -33.03 57.16
N THR D 483 12.06 -33.38 55.91
CA THR D 483 13.14 -34.32 55.63
C THR D 483 13.87 -33.86 54.37
N THR D 484 14.97 -34.54 54.06
CA THR D 484 15.76 -34.20 52.89
C THR D 484 14.97 -34.40 51.60
N PHE D 485 14.27 -35.53 51.50
CA PHE D 485 13.55 -35.86 50.26
C PHE D 485 12.44 -34.86 49.98
N GLN D 486 11.67 -34.50 51.00
CA GLN D 486 10.57 -33.57 50.77
C GLN D 486 11.07 -32.15 50.48
N THR D 487 12.22 -31.78 51.05
CA THR D 487 12.78 -30.46 50.76
C THR D 487 13.28 -30.39 49.32
N VAL D 488 14.00 -31.42 48.87
CA VAL D 488 14.46 -31.47 47.49
C VAL D 488 13.28 -31.52 46.52
N SER D 489 12.25 -32.30 46.85
CA SER D 489 11.06 -32.38 46.01
C SER D 489 10.32 -31.05 45.94
N TRP D 490 10.20 -30.34 47.07
CA TRP D 490 9.52 -29.06 47.10
C TRP D 490 10.27 -28.02 46.28
N HIS D 491 11.60 -27.99 46.39
CA HIS D 491 12.37 -27.04 45.59
C HIS D 491 12.36 -27.40 44.11
N PHE D 492 12.34 -28.69 43.77
CA PHE D 492 12.21 -29.08 42.37
C PHE D 492 10.85 -28.70 41.81
N CYS D 493 9.79 -28.87 42.60
CA CYS D 493 8.46 -28.46 42.15
C CYS D 493 8.34 -26.95 42.02
N ILE D 494 9.05 -26.20 42.87
CA ILE D 494 9.14 -24.75 42.66
C ILE D 494 9.86 -24.44 41.37
N ALA D 495 10.98 -25.12 41.12
CA ALA D 495 11.76 -24.88 39.91
C ALA D 495 11.02 -25.27 38.64
N LEU D 496 10.02 -26.16 38.72
CA LEU D 496 9.27 -26.54 37.53
C LEU D 496 8.45 -25.37 36.96
N GLY D 497 7.87 -24.54 37.81
CA GLY D 497 7.13 -23.38 37.31
C GLY D 497 8.04 -22.37 36.64
N TYR D 498 9.20 -22.11 37.24
CA TYR D 498 10.18 -21.27 36.58
C TYR D 498 10.74 -21.92 35.33
N THR D 499 10.75 -23.26 35.25
CA THR D 499 11.11 -23.93 34.01
C THR D 499 10.07 -23.69 32.93
N ASN D 500 8.79 -23.61 33.31
CA ASN D 500 7.77 -23.17 32.36
C ASN D 500 8.02 -21.75 31.90
N SER D 501 8.42 -20.87 32.83
CA SER D 501 8.80 -19.51 32.45
C SER D 501 10.01 -19.49 31.52
N CYS D 502 10.91 -20.47 31.67
CA CYS D 502 12.06 -20.58 30.77
C CYS D 502 11.66 -21.10 29.39
N LEU D 503 10.72 -22.04 29.35
CA LEU D 503 10.31 -22.68 28.10
C LEU D 503 9.26 -21.89 27.35
N ASN D 504 8.65 -20.87 27.96
CA ASN D 504 7.71 -20.02 27.24
C ASN D 504 8.32 -19.30 26.05
N PRO D 505 9.50 -18.66 26.13
CA PRO D 505 10.07 -18.07 24.91
C PRO D 505 10.43 -19.08 23.82
N VAL D 506 10.80 -20.30 24.19
CA VAL D 506 11.11 -21.32 23.19
C VAL D 506 9.83 -21.76 22.48
N LEU D 507 8.77 -22.02 23.24
CA LEU D 507 7.55 -22.56 22.66
C LEU D 507 6.75 -21.50 21.92
N TYR D 508 6.79 -20.25 22.37
CA TYR D 508 5.92 -19.22 21.80
C TYR D 508 6.62 -18.31 20.80
N ALA D 509 7.85 -17.87 21.10
CA ALA D 509 8.56 -16.97 20.21
C ALA D 509 9.39 -17.73 19.18
N PHE D 510 10.27 -18.60 19.64
CA PHE D 510 11.23 -19.27 18.74
C PHE D 510 10.57 -20.26 17.80
N LEU D 511 9.34 -20.68 18.08
CA LEU D 511 8.63 -21.60 17.19
C LEU D 511 7.64 -20.88 16.27
N ASP D 512 7.55 -19.56 16.34
CA ASP D 512 6.77 -18.82 15.36
C ASP D 512 7.48 -18.83 14.01
N GLU D 513 6.70 -18.93 12.94
CA GLU D 513 7.30 -18.88 11.61
C GLU D 513 7.69 -17.47 11.20
N ASN D 514 7.08 -16.45 11.81
CA ASN D 514 7.59 -15.10 11.61
C ASN D 514 8.98 -14.94 12.21
N PHE D 515 9.19 -15.50 13.41
CA PHE D 515 10.51 -15.50 14.01
C PHE D 515 11.47 -16.38 13.23
N LYS D 516 10.99 -17.48 12.66
CA LYS D 516 11.85 -18.32 11.83
C LYS D 516 12.25 -17.61 10.54
N ARG D 517 11.37 -16.80 9.98
CA ARG D 517 11.73 -15.99 8.82
C ARG D 517 12.72 -14.90 9.21
N CYS D 518 12.57 -14.33 10.41
CA CYS D 518 13.54 -13.34 10.87
C CYS D 518 14.90 -13.96 11.18
N PHE D 519 14.91 -15.24 11.57
CA PHE D 519 16.16 -15.96 11.76
C PHE D 519 16.72 -16.53 10.46
N ARG D 520 15.91 -16.59 9.41
CA ARG D 520 16.35 -17.17 8.15
C ARG D 520 17.27 -16.25 7.39
N GLU D 521 17.16 -14.94 7.58
CA GLU D 521 18.04 -13.98 6.92
C GLU D 521 19.44 -13.95 7.53
N PHE D 522 19.63 -14.60 8.69
CA PHE D 522 20.95 -14.68 9.30
C PHE D 522 21.79 -15.78 8.67
C3' VSN E . -25.32 -10.46 -21.75
C4' VSN E . -23.86 -10.92 -22.01
C5' VSN E . -22.97 -10.47 -20.88
C1' VSN E . -25.32 -12.76 -21.70
C2' VSN E . -26.07 -11.73 -21.39
C8 VSN E . -24.41 -13.44 -19.55
C5 VSN E . -25.53 -15.17 -18.99
C4 VSN E . -26.01 -14.70 -20.24
C2 VSN E . -27.58 -16.44 -20.33
C6 VSN E . -26.14 -16.36 -18.38
N9 VSN E . -25.24 -13.60 -20.54
N7 VSN E . -24.55 -14.36 -18.58
N3 VSN E . -27.03 -15.37 -20.90
N2 VSN E . -28.58 -17.08 -20.97
N1 VSN E . -27.14 -16.91 -19.12
O3' VSN E . -25.89 -9.85 -22.93
O5' VSN E . -21.60 -10.58 -21.26
OP2 VSN E . -20.34 -8.64 -22.35
OP3 VSN E . -19.26 -9.73 -20.36
O3B VSN E . -17.36 -8.08 -21.01
O2B VSN E . -16.87 -9.94 -19.39
OP1 VSN E . -21.34 -8.25 -20.11
O4' VSN E . -23.99 -12.36 -22.01
O2' VSN E . -27.30 -11.79 -22.11
O6 VSN E . -25.81 -16.81 -17.32
P VSN E . -20.63 -9.25 -21.05
PB VSN E . -17.94 -8.93 -19.85
S1B VSN E . -18.41 -7.79 -18.41
C1 CLR F . 3.14 -0.11 26.10
C2 CLR F . 3.07 -0.33 24.59
C3 CLR F . 4.30 -1.09 24.10
C4 CLR F . 4.39 -2.43 24.83
C5 CLR F . 4.41 -2.25 26.33
C6 CLR F . 5.37 -2.81 27.06
C7 CLR F . 5.47 -2.73 28.55
C8 CLR F . 4.18 -2.21 29.19
C9 CLR F . 3.66 -1.01 28.38
C10 CLR F . 3.30 -1.40 26.93
C11 CLR F . 2.54 -0.28 29.12
C12 CLR F . 2.85 0.04 30.58
C13 CLR F . 3.24 -1.21 31.38
C14 CLR F . 4.45 -1.81 30.64
C15 CLR F . 5.01 -2.86 31.58
C16 CLR F . 4.70 -2.29 32.98
C17 CLR F . 3.88 -0.99 32.78
C18 CLR F . 2.08 -2.18 31.50
C19 CLR F . 1.99 -2.21 26.87
C20 CLR F . 2.98 -0.65 34.00
C21 CLR F . 2.63 0.83 34.08
C22 CLR F . 3.63 -1.11 35.31
C23 CLR F . 2.99 -0.62 36.60
C24 CLR F . 1.65 -1.26 36.90
C25 CLR F . 0.85 -0.58 38.02
C26 CLR F . 1.28 -1.13 39.37
C27 CLR F . -0.66 -0.71 37.82
O1 CLR F . 4.21 -1.24 22.70
C1 CLR G . 4.73 -37.51 49.09
C2 CLR G . 5.23 -37.66 50.53
C3 CLR G . 6.73 -37.52 50.58
C4 CLR G . 7.15 -36.17 50.01
C5 CLR G . 6.63 -35.98 48.61
C6 CLR G . 7.46 -35.69 47.62
C7 CLR G . 7.07 -35.50 46.19
C8 CLR G . 5.58 -35.29 46.02
C9 CLR G . 4.79 -36.29 46.89
C10 CLR G . 5.13 -36.19 48.41
C11 CLR G . 3.29 -36.22 46.59
C12 CLR G . 2.95 -36.31 45.09
C13 CLR G . 3.70 -35.29 44.23
C14 CLR G . 5.18 -35.48 44.56
C15 CLR G . 5.92 -34.65 43.53
C16 CLR G . 5.07 -34.88 42.26
C17 CLR G . 3.74 -35.54 42.69
C18 CLR G . 3.22 -33.87 44.53
C19 CLR G . 4.40 -35.03 49.08
C20 CLR G . 2.61 -35.12 41.73
C21 CLR G . 1.23 -35.69 42.00
C22 CLR G . 3.03 -35.51 40.30
C23 CLR G . 2.19 -34.98 39.16
C24 CLR G . 2.46 -35.73 37.86
C25 CLR G . 2.08 -35.03 36.56
C26 CLR G . 0.56 -35.05 36.37
C27 CLR G . 2.61 -33.61 36.48
O1 CLR G . 7.15 -37.68 51.93
C10 A1CMV H . 2.91 -18.81 41.96
C11 A1CMV H . 4.98 -20.34 42.05
C12 A1CMV H . 2.81 -20.83 43.43
C13 A1CMV H . 9.87 -16.51 49.12
C14 A1CMV H . 9.64 -15.17 47.14
C15 A1CMV H . 2.48 -19.22 40.71
C16 A1CMV H . 5.34 -21.68 42.15
C17 A1CMV H . 2.52 -17.58 42.44
C18 A1CMV H . 5.73 -19.56 41.21
C19 A1CMV H . 10.81 -15.62 49.61
C20 A1CMV H . 10.59 -14.28 47.63
C21 A1CMV H . 11.18 -14.51 48.87
C22 A1CMV H . 1.67 -18.42 39.90
C23 A1CMV H . 6.41 -22.20 41.40
C24 A1CMV H . 1.71 -16.75 41.65
C25 A1CMV H . 6.80 -20.02 40.42
C26 A1CMV H . 2.42 -20.36 45.95
C27 A1CMV H . 1.34 -22.22 44.75
C28 A1CMV H . 1.28 -17.16 40.38
C29 A1CMV H . 7.15 -21.38 40.54
C01 A1CMV H . 8.24 -17.27 47.35
C02 A1CMV H . 8.86 -18.13 46.28
C03 A1CMV H . 7.05 -16.53 46.75
C04 A1CMV H . 7.82 -19.07 45.63
C05 A1CMV H . 6.04 -17.50 46.14
C06 A1CMV H . 5.66 -19.37 44.71
C07 A1CMV H . 4.54 -18.71 43.84
C08 A1CMV H . 3.81 -19.71 42.87
C09 A1CMV H . 9.28 -16.28 47.88
N01 A1CMV H . 6.65 -18.37 45.12
N02 A1CMV H . 2.25 -21.06 44.67
O01 A1CMV H . 7.79 -18.09 48.40
O02 A1CMV H . 2.40 -21.63 42.60
CL01 A1CMV H . 12.36 -13.40 49.49
#